data_4JZ0
#
_entry.id   4JZ0
#
_cell.length_a   101.819
_cell.length_b   130.399
_cell.length_c   159.987
_cell.angle_alpha   90.00
_cell.angle_beta   90.00
_cell.angle_gamma   90.00
#
_symmetry.space_group_name_H-M   'I 2 2 2'
#
loop_
_entity.id
_entity.type
_entity.pdbx_description
1 polymer 'Glutamate carboxypeptidase 2'
2 branched 2-acetamido-2-deoxy-beta-D-glucopyranose-(1-4)-2-acetamido-2-deoxy-beta-D-glucopyranose
3 branched alpha-D-mannopyranose-(1-3)-beta-D-mannopyranose-(1-4)-2-acetamido-2-deoxy-beta-D-glucopyranose-(1-4)-2-acetamido-2-deoxy-beta-D-glucopyranose
4 non-polymer 'ZINC ION'
5 non-polymer 'CALCIUM ION'
6 non-polymer 'CHLORIDE ION'
7 non-polymer 2-acetamido-2-deoxy-beta-D-glucopyranose
8 non-polymer N-(4-fluorobenzoyl)-L-gamma-glutamyl-O-[(S)-{[(1S)-1,3-dicarboxypropyl]amino}(hydroxy)phosphoryl]-L-serine
9 water water
#
_entity_poly.entity_id   1
_entity_poly.type   'polypeptide(L)'
_entity_poly.pdbx_seq_one_letter_code
;RSKSSNEATNITPKHNMKAFLDELKAENIKKFLYNFTQIPHLAGTEQNFQLAKQIQSQWKEFGLDSVELAHYDVLLSYPN
KTHPNYISIINEDGNEIFNTSLFEPPPPGYENVSDIVPPFSAFSPQGMPEGDLVYVNYARTEDFFKLERDMKINCSGKIV
IARYGKVFRGNKVKNAQLAGAKGVILYSDPADYFAPGVKSYPDGWNLPGGGVQRGNILNLNGAGDPLTPGYPANEYAYRR
GIAEAVGLPSIPVHPIGYYDAQKLLEKMGGSAPPDSSWRGSLKVPYNVGPGFTGNFSTQKVKMHIHSTNEVTRIYNVIGT
LRGAVEPDRYVILGGHRDSWVFGGIDPQSGAAVVHEIVRSFGTLKKEGWRPRRTILFASWDAEEFGLLGSTEWAEENSRL
LQERGVAYINADSSIEGNYTLRVDCTPLMYSLVHNLTKELKSPDEGFEGKSLYESWTKKSPSPEFSGMPRISKLGSGNDF
EVFFQRLGIASGRARYTKNWETNKFSGYPLYHSVYETYELVEKFYDPMFKYHLTVAQVRGGMVFELANSIVLPFDCRDYA
VVLRKYADKIYSISMKHPQEMKTYSVSFDSLFSAVKNFTEIASKFSERLQDFDKSNPIVLRMMNDQLMFLERAFIDPLGL
PDRPFYRHVIYAPSSHNKYAGESFPGIYDALFDIESKVDPSKAWGEVKRQIYVAAFTVQAAAETLSEVA
;
_entity_poly.pdbx_strand_id   A
#
loop_
_chem_comp.id
_chem_comp.type
_chem_comp.name
_chem_comp.formula
BMA D-saccharide, beta linking beta-D-mannopyranose 'C6 H12 O6'
CA non-polymer 'CALCIUM ION' 'Ca 2'
CL non-polymer 'CHLORIDE ION' 'Cl -1'
MAN D-saccharide, alpha linking alpha-D-mannopyranose 'C6 H12 O6'
NAG D-saccharide, beta linking 2-acetamido-2-deoxy-beta-D-glucopyranose 'C8 H15 N O6'
T01 non-polymer N-(4-fluorobenzoyl)-L-gamma-glutamyl-O-[(S)-{[(1S)-1,3-dicarboxypropyl]amino}(hydroxy)phosphoryl]-L-serine 'C20 H25 F N3 O13 P'
ZN non-polymer 'ZINC ION' 'Zn 2'
#
# COMPACT_ATOMS: atom_id res chain seq x y z
N LYS A 14 -4.92 23.38 29.95
CA LYS A 14 -5.45 23.61 28.57
C LYS A 14 -5.62 22.32 27.74
N HIS A 15 -6.66 22.29 26.91
CA HIS A 15 -6.90 21.17 25.96
C HIS A 15 -6.47 21.61 24.58
N ASN A 16 -5.22 21.30 24.25
CA ASN A 16 -4.60 21.73 23.00
C ASN A 16 -3.81 20.55 22.48
N MET A 17 -3.10 20.74 21.37
CA MET A 17 -2.44 19.59 20.78
C MET A 17 -1.39 19.03 21.74
N LYS A 18 -0.69 19.90 22.45
CA LYS A 18 0.29 19.44 23.41
C LYS A 18 -0.31 18.51 24.48
N ALA A 19 -1.50 18.85 24.98
CA ALA A 19 -2.17 17.96 25.94
C ALA A 19 -2.44 16.57 25.30
N PHE A 20 -2.91 16.59 24.07
CA PHE A 20 -3.12 15.33 23.35
C PHE A 20 -1.81 14.53 23.17
N LEU A 21 -0.78 15.17 22.63
CA LEU A 21 0.48 14.49 22.40
C LEU A 21 1.10 13.95 23.71
N ASP A 22 0.97 14.69 24.81
CA ASP A 22 1.62 14.29 26.07
C ASP A 22 0.98 13.07 26.71
N GLU A 23 -0.30 12.83 26.40
CA GLU A 23 -1.05 11.72 26.95
C GLU A 23 -0.64 10.37 26.30
N LEU A 24 -0.16 10.39 25.06
CA LEU A 24 0.36 9.19 24.37
C LEU A 24 1.56 8.63 25.12
N LYS A 25 1.55 7.33 25.37
CA LYS A 25 2.61 6.65 26.13
CA LYS A 25 2.63 6.66 26.11
C LYS A 25 3.19 5.47 25.34
N ALA A 26 4.52 5.40 25.22
CA ALA A 26 5.21 4.24 24.59
C ALA A 26 4.79 2.94 25.28
N GLU A 27 4.69 2.97 26.62
CA GLU A 27 4.34 1.77 27.41
C GLU A 27 2.97 1.21 27.03
N ASN A 28 2.00 2.10 26.79
CA ASN A 28 0.67 1.64 26.33
C ASN A 28 0.73 1.01 24.95
N ILE A 29 1.46 1.61 24.02
CA ILE A 29 1.57 1.04 22.67
C ILE A 29 2.20 -0.38 22.76
N LYS A 30 3.20 -0.52 23.64
CA LYS A 30 3.84 -1.82 23.85
C LYS A 30 2.82 -2.86 24.31
N LYS A 31 2.08 -2.52 25.38
CA LYS A 31 1.03 -3.40 25.92
C LYS A 31 -0.02 -3.79 24.89
N PHE A 32 -0.47 -2.83 24.10
CA PHE A 32 -1.45 -3.10 23.04
C PHE A 32 -0.86 -4.02 21.96
N LEU A 33 0.37 -3.76 21.55
CA LEU A 33 0.99 -4.59 20.53
C LEU A 33 1.08 -6.04 21.01
N TYR A 34 1.58 -6.23 22.24
CA TYR A 34 1.61 -7.56 22.83
C TYR A 34 0.20 -8.19 22.77
N ASN A 35 -0.79 -7.46 23.23
CA ASN A 35 -2.17 -7.93 23.26
C ASN A 35 -2.72 -8.40 21.88
N PHE A 36 -2.25 -7.74 20.82
CA PHE A 36 -2.82 -7.92 19.47
C PHE A 36 -2.09 -9.02 18.67
N THR A 37 -1.03 -9.63 19.24
CA THR A 37 -0.14 -10.43 18.43
C THR A 37 0.14 -11.81 19.03
N GLN A 38 -0.65 -12.23 20.01
CA GLN A 38 -0.45 -13.53 20.64
CA GLN A 38 -0.45 -13.54 20.65
C GLN A 38 -0.99 -14.69 19.81
N ILE A 39 -1.99 -14.40 18.98
CA ILE A 39 -2.60 -15.44 18.14
C ILE A 39 -2.80 -14.86 16.75
N PRO A 40 -2.95 -15.73 15.70
CA PRO A 40 -3.21 -15.13 14.37
C PRO A 40 -4.57 -14.45 14.29
N HIS A 41 -4.64 -13.44 13.43
CA HIS A 41 -5.91 -12.72 13.23
C HIS A 41 -6.22 -12.63 11.72
N LEU A 42 -6.27 -13.79 11.08
CA LEU A 42 -6.54 -13.89 9.67
C LEU A 42 -7.94 -13.39 9.36
N ALA A 43 -8.08 -12.56 8.30
CA ALA A 43 -9.41 -12.09 7.88
C ALA A 43 -10.38 -13.27 7.70
N GLY A 44 -11.61 -13.07 8.19
CA GLY A 44 -12.68 -14.05 8.03
C GLY A 44 -12.68 -15.13 9.09
N THR A 45 -11.70 -15.14 9.98
CA THR A 45 -11.65 -16.15 11.03
C THR A 45 -12.30 -15.70 12.33
N GLU A 46 -12.69 -16.69 13.14
CA GLU A 46 -13.31 -16.40 14.43
C GLU A 46 -12.40 -15.50 15.32
N GLN A 47 -11.09 -15.76 15.34
CA GLN A 47 -10.17 -14.97 16.16
C GLN A 47 -10.16 -13.49 15.78
N ASN A 48 -10.28 -13.23 14.49
CA ASN A 48 -10.29 -11.84 14.04
C ASN A 48 -11.63 -11.13 14.35
N PHE A 49 -12.74 -11.87 14.32
CA PHE A 49 -14.04 -11.35 14.80
C PHE A 49 -13.97 -11.04 16.33
N GLN A 50 -13.40 -11.95 17.10
CA GLN A 50 -13.24 -11.69 18.54
CA GLN A 50 -13.20 -11.73 18.55
C GLN A 50 -12.39 -10.44 18.83
N LEU A 51 -11.29 -10.27 18.09
CA LEU A 51 -10.46 -9.08 18.23
C LEU A 51 -11.27 -7.83 17.84
N ALA A 52 -12.03 -7.89 16.72
CA ALA A 52 -12.96 -6.80 16.38
C ALA A 52 -13.88 -6.40 17.55
N LYS A 53 -14.50 -7.40 18.19
CA LYS A 53 -15.38 -7.14 19.34
C LYS A 53 -14.64 -6.52 20.53
N GLN A 54 -13.40 -6.95 20.73
CA GLN A 54 -12.55 -6.40 21.81
C GLN A 54 -12.24 -4.90 21.55
N ILE A 55 -11.83 -4.60 20.31
CA ILE A 55 -11.47 -3.23 19.91
C ILE A 55 -12.73 -2.34 20.09
N GLN A 56 -13.87 -2.82 19.60
CA GLN A 56 -15.13 -2.09 19.78
C GLN A 56 -15.41 -1.77 21.25
N SER A 57 -15.31 -2.79 22.11
CA SER A 57 -15.56 -2.61 23.53
C SER A 57 -14.61 -1.59 24.15
N GLN A 58 -13.32 -1.69 23.81
CA GLN A 58 -12.32 -0.80 24.36
C GLN A 58 -12.45 0.63 23.85
N TRP A 59 -12.70 0.80 22.56
CA TRP A 59 -12.94 2.14 22.04
C TRP A 59 -14.12 2.83 22.73
N LYS A 60 -15.17 2.07 23.07
CA LYS A 60 -16.30 2.62 23.87
C LYS A 60 -15.82 3.02 25.27
N GLU A 61 -15.07 2.14 25.95
CA GLU A 61 -14.52 2.45 27.31
C GLU A 61 -13.62 3.68 27.22
N PHE A 62 -12.88 3.80 26.13
CA PHE A 62 -11.96 4.94 25.94
C PHE A 62 -12.70 6.29 25.83
N GLY A 63 -13.98 6.26 25.44
CA GLY A 63 -14.90 7.42 25.52
C GLY A 63 -15.51 7.85 24.18
N LEU A 64 -15.33 7.06 23.12
CA LEU A 64 -15.91 7.47 21.81
C LEU A 64 -17.42 7.53 21.93
N ASP A 65 -18.05 8.41 21.16
CA ASP A 65 -19.51 8.57 21.19
C ASP A 65 -20.27 7.36 20.67
N SER A 66 -19.78 6.75 19.60
CA SER A 66 -20.39 5.50 19.10
C SER A 66 -19.28 4.64 18.51
N VAL A 67 -19.44 3.32 18.64
CA VAL A 67 -18.50 2.40 18.01
C VAL A 67 -19.32 1.21 17.50
N GLU A 68 -19.32 1.04 16.19
CA GLU A 68 -20.13 0.03 15.55
C GLU A 68 -19.27 -0.95 14.73
N LEU A 69 -19.76 -2.17 14.54
CA LEU A 69 -19.15 -3.05 13.55
C LEU A 69 -19.88 -2.88 12.22
N ALA A 70 -19.15 -2.76 11.12
CA ALA A 70 -19.76 -2.70 9.80
C ALA A 70 -19.25 -3.97 9.13
N HIS A 71 -20.17 -4.88 8.83
CA HIS A 71 -19.78 -6.20 8.27
C HIS A 71 -20.19 -6.28 6.80
N TYR A 72 -19.43 -7.07 6.04
CA TYR A 72 -19.64 -7.31 4.59
C TYR A 72 -19.34 -8.79 4.34
N ASP A 73 -19.92 -9.35 3.27
CA ASP A 73 -19.64 -10.74 2.89
C ASP A 73 -18.91 -10.68 1.58
N VAL A 74 -17.60 -10.94 1.66
CA VAL A 74 -16.68 -10.73 0.54
C VAL A 74 -15.94 -12.00 0.14
N LEU A 75 -15.41 -12.01 -1.08
CA LEU A 75 -14.63 -13.19 -1.54
C LEU A 75 -13.29 -13.23 -0.85
N LEU A 76 -13.05 -14.29 -0.06
CA LEU A 76 -11.70 -14.52 0.53
C LEU A 76 -11.17 -15.83 -0.08
N SER A 77 -9.99 -16.26 0.37
CA SER A 77 -9.29 -17.41 -0.18
C SER A 77 -8.51 -18.10 0.91
N TYR A 78 -8.59 -19.43 0.96
CA TYR A 78 -7.89 -20.19 2.01
C TYR A 78 -7.35 -21.50 1.48
N PRO A 79 -6.24 -21.97 2.05
CA PRO A 79 -5.77 -23.31 1.65
C PRO A 79 -6.77 -24.36 2.15
N ASN A 80 -6.76 -25.52 1.53
CA ASN A 80 -7.55 -26.65 2.02
C ASN A 80 -6.71 -27.39 3.08
N LYS A 81 -7.19 -27.35 4.33
CA LYS A 81 -6.54 -28.00 5.48
C LYS A 81 -6.21 -29.49 5.29
N THR A 82 -7.01 -30.22 4.51
CA THR A 82 -6.76 -31.67 4.35
C THR A 82 -6.14 -32.06 2.98
N HIS A 83 -5.79 -31.06 2.18
CA HIS A 83 -5.22 -31.26 0.87
C HIS A 83 -4.16 -30.16 0.65
N PRO A 84 -3.02 -30.28 1.36
CA PRO A 84 -2.03 -29.18 1.40
C PRO A 84 -1.40 -28.82 0.04
N ASN A 85 -1.09 -27.53 -0.15
CA ASN A 85 -0.41 -27.02 -1.35
C ASN A 85 1.09 -27.31 -1.28
N TYR A 86 1.67 -27.70 -2.41
CA TYR A 86 3.12 -27.89 -2.45
C TYR A 86 3.60 -27.94 -3.90
N ILE A 87 4.91 -27.84 -4.08
CA ILE A 87 5.53 -27.95 -5.39
C ILE A 87 6.52 -29.13 -5.36
N SER A 88 6.64 -29.85 -6.50
CA SER A 88 7.57 -30.97 -6.66
C SER A 88 8.48 -30.80 -7.84
N ILE A 89 9.63 -31.47 -7.78
CA ILE A 89 10.33 -31.87 -9.01
C ILE A 89 9.94 -33.34 -9.21
N ILE A 90 9.41 -33.66 -10.40
CA ILE A 90 9.05 -35.03 -10.74
C ILE A 90 10.02 -35.53 -11.78
N ASN A 91 10.49 -36.76 -11.60
CA ASN A 91 11.35 -37.39 -12.60
C ASN A 91 10.54 -37.95 -13.78
N GLU A 92 11.24 -38.52 -14.77
CA GLU A 92 10.62 -39.02 -16.00
C GLU A 92 9.47 -40.01 -15.75
N ASP A 93 9.54 -40.72 -14.62
CA ASP A 93 8.58 -41.76 -14.24
C ASP A 93 7.31 -41.21 -13.57
N GLY A 94 7.37 -39.97 -13.10
CA GLY A 94 6.28 -39.39 -12.34
C GLY A 94 6.48 -39.45 -10.84
N ASN A 95 7.63 -39.94 -10.38
CA ASN A 95 8.00 -39.89 -8.95
C ASN A 95 8.40 -38.46 -8.53
N GLU A 96 7.83 -38.00 -7.43
CA GLU A 96 8.15 -36.67 -6.90
C GLU A 96 9.40 -36.82 -6.05
N ILE A 97 10.51 -36.33 -6.58
CA ILE A 97 11.83 -36.54 -5.96
C ILE A 97 12.26 -35.44 -4.98
N PHE A 98 11.52 -34.34 -4.99
CA PHE A 98 11.72 -33.27 -4.04
C PHE A 98 10.38 -32.53 -3.87
N ASN A 99 10.03 -32.18 -2.63
CA ASN A 99 8.80 -31.45 -2.33
C ASN A 99 9.14 -30.23 -1.55
N THR A 100 8.49 -29.10 -1.86
CA THR A 100 8.66 -27.89 -1.05
C THR A 100 7.95 -28.10 0.29
N SER A 101 8.24 -27.25 1.28
CA SER A 101 7.67 -27.38 2.64
C SER A 101 6.15 -27.27 2.70
N LEU A 102 5.56 -27.92 3.69
CA LEU A 102 4.10 -27.80 3.90
C LEU A 102 3.78 -26.64 4.86
N PHE A 103 4.79 -26.14 5.59
CA PHE A 103 4.60 -25.06 6.57
C PHE A 103 5.98 -24.48 6.96
N GLU A 104 6.02 -23.28 7.52
CA GLU A 104 7.28 -22.70 8.01
C GLU A 104 7.58 -23.28 9.40
N PRO A 105 8.81 -23.69 9.67
CA PRO A 105 9.10 -24.15 11.05
C PRO A 105 8.73 -23.04 12.06
N PRO A 106 7.83 -23.33 13.02
CA PRO A 106 7.40 -22.23 13.86
C PRO A 106 8.51 -21.73 14.77
N PRO A 107 8.49 -20.43 15.13
CA PRO A 107 9.54 -19.87 15.99
C PRO A 107 9.44 -20.37 17.45
N PRO A 108 10.52 -20.17 18.24
CA PRO A 108 10.56 -20.67 19.64
C PRO A 108 9.34 -20.27 20.49
N GLY A 109 8.69 -21.24 21.11
CA GLY A 109 7.57 -20.94 21.99
C GLY A 109 6.22 -20.85 21.27
N TYR A 110 6.24 -20.87 19.93
CA TYR A 110 5.01 -20.88 19.10
C TYR A 110 4.77 -22.21 18.39
N GLU A 111 5.62 -23.20 18.68
CA GLU A 111 5.54 -24.49 18.00
C GLU A 111 4.21 -25.24 18.25
N ASN A 112 3.44 -24.79 19.25
CA ASN A 112 2.11 -25.34 19.57
C ASN A 112 0.90 -24.38 19.32
N VAL A 113 1.16 -23.21 18.74
CA VAL A 113 0.09 -22.31 18.38
C VAL A 113 -0.74 -22.89 17.18
N SER A 114 -2.06 -22.97 17.36
CA SER A 114 -2.95 -23.44 16.30
C SER A 114 -3.27 -22.33 15.30
N ASP A 115 -3.75 -22.76 14.14
CA ASP A 115 -4.37 -21.91 13.15
C ASP A 115 -3.39 -20.96 12.51
N ILE A 116 -2.12 -21.37 12.43
CA ILE A 116 -1.19 -20.60 11.60
C ILE A 116 -1.50 -21.04 10.16
N VAL A 117 -1.98 -20.12 9.32
CA VAL A 117 -2.23 -20.47 7.94
C VAL A 117 -0.91 -20.79 7.24
N PRO A 118 -0.82 -21.93 6.51
CA PRO A 118 0.45 -22.26 5.84
C PRO A 118 0.68 -21.26 4.72
N PRO A 119 1.95 -21.07 4.30
CA PRO A 119 2.18 -20.16 3.18
C PRO A 119 1.31 -20.53 1.94
N PHE A 120 0.69 -19.54 1.34
CA PHE A 120 -0.01 -19.70 0.09
C PHE A 120 -0.19 -18.36 -0.56
N SER A 121 -0.54 -18.38 -1.85
CA SER A 121 -0.88 -17.14 -2.56
C SER A 121 -2.39 -16.99 -2.61
N ALA A 122 -2.93 -15.99 -1.91
CA ALA A 122 -4.39 -15.87 -1.79
C ALA A 122 -4.98 -15.55 -3.16
N PHE A 123 -6.06 -16.29 -3.49
CA PHE A 123 -6.86 -16.23 -4.73
C PHE A 123 -6.26 -17.02 -5.91
N SER A 124 -5.16 -17.75 -5.71
CA SER A 124 -4.73 -18.68 -6.75
C SER A 124 -5.88 -19.61 -7.12
N PRO A 125 -6.05 -19.90 -8.43
CA PRO A 125 -6.96 -20.98 -8.79
C PRO A 125 -6.33 -22.35 -8.46
N GLN A 126 -7.14 -23.40 -8.46
CA GLN A 126 -6.65 -24.77 -8.26
C GLN A 126 -5.98 -25.26 -9.52
N GLY A 127 -5.07 -26.23 -9.39
CA GLY A 127 -4.52 -26.86 -10.58
C GLY A 127 -3.30 -27.67 -10.21
N MET A 128 -2.86 -28.49 -11.15
CA MET A 128 -1.65 -29.26 -10.95
C MET A 128 -0.75 -29.18 -12.19
N PRO A 129 -0.44 -27.96 -12.67
CA PRO A 129 0.36 -27.91 -13.89
C PRO A 129 1.78 -28.47 -13.68
N GLU A 130 2.29 -29.14 -14.72
CA GLU A 130 3.64 -29.77 -14.77
C GLU A 130 4.32 -29.10 -15.93
N GLY A 131 5.59 -28.72 -15.80
CA GLY A 131 6.27 -28.13 -16.95
C GLY A 131 7.71 -27.77 -16.70
N ASP A 132 8.31 -27.09 -17.67
CA ASP A 132 9.69 -26.61 -17.55
C ASP A 132 9.72 -25.21 -16.95
N LEU A 133 10.73 -24.95 -16.12
CA LEU A 133 10.83 -23.65 -15.46
C LEU A 133 11.52 -22.63 -16.34
N VAL A 134 11.05 -21.39 -16.23
CA VAL A 134 11.78 -20.23 -16.71
C VAL A 134 11.92 -19.24 -15.54
N TYR A 135 13.13 -18.74 -15.34
CA TYR A 135 13.41 -17.80 -14.27
C TYR A 135 13.30 -16.38 -14.84
N VAL A 136 12.43 -15.56 -14.23
CA VAL A 136 12.07 -14.27 -14.83
C VAL A 136 12.46 -13.10 -13.92
N ASN A 137 13.48 -13.32 -13.10
CA ASN A 137 13.97 -12.26 -12.21
C ASN A 137 12.82 -11.79 -11.28
N TYR A 138 12.50 -10.48 -11.26
CA TYR A 138 11.40 -9.94 -10.44
C TYR A 138 10.04 -9.99 -11.12
N ALA A 139 10.00 -10.53 -12.32
CA ALA A 139 8.77 -10.64 -13.07
C ALA A 139 8.14 -9.26 -13.37
N ARG A 140 9.00 -8.22 -13.45
CA ARG A 140 8.57 -6.86 -13.84
C ARG A 140 8.28 -6.80 -15.34
N THR A 141 7.54 -5.78 -15.76
CA THR A 141 7.35 -5.53 -17.17
C THR A 141 8.67 -5.54 -17.95
N GLU A 142 9.70 -4.88 -17.42
CA GLU A 142 11.00 -4.81 -18.11
C GLU A 142 11.74 -6.15 -18.09
N ASP A 143 11.43 -7.00 -17.10
CA ASP A 143 12.05 -8.35 -17.08
C ASP A 143 11.49 -9.21 -18.20
N PHE A 144 10.18 -9.13 -18.41
CA PHE A 144 9.56 -9.82 -19.53
C PHE A 144 9.95 -9.22 -20.89
N PHE A 145 10.04 -7.89 -21.00
CA PHE A 145 10.62 -7.28 -22.21
C PHE A 145 11.98 -7.94 -22.55
N LYS A 146 12.86 -7.98 -21.55
CA LYS A 146 14.22 -8.53 -21.69
C LYS A 146 14.19 -9.99 -22.17
N LEU A 147 13.37 -10.83 -21.54
CA LEU A 147 13.21 -12.24 -21.94
C LEU A 147 12.70 -12.41 -23.36
N GLU A 148 11.59 -11.74 -23.68
CA GLU A 148 10.86 -11.97 -24.91
C GLU A 148 11.50 -11.26 -26.11
N ARG A 149 11.75 -9.96 -25.94
CA ARG A 149 12.31 -9.13 -27.01
C ARG A 149 13.81 -9.30 -27.22
N ASP A 150 14.58 -9.32 -26.13
CA ASP A 150 16.03 -9.35 -26.24
C ASP A 150 16.60 -10.77 -26.28
N MET A 151 16.10 -11.66 -25.42
CA MET A 151 16.65 -13.03 -25.36
C MET A 151 15.87 -14.02 -26.21
N LYS A 152 14.70 -13.60 -26.69
CA LYS A 152 13.84 -14.43 -27.53
C LYS A 152 13.45 -15.71 -26.79
N ILE A 153 13.25 -15.60 -25.47
CA ILE A 153 12.79 -16.73 -24.67
C ILE A 153 11.28 -16.68 -24.49
N ASN A 154 10.64 -17.79 -24.83
CA ASN A 154 9.18 -17.85 -24.89
C ASN A 154 8.65 -18.49 -23.59
N CYS A 155 7.83 -17.73 -22.85
CA CYS A 155 7.27 -18.18 -21.58
C CYS A 155 6.00 -19.00 -21.74
N SER A 156 5.50 -19.10 -22.96
CA SER A 156 4.22 -19.79 -23.18
C SER A 156 4.24 -21.27 -22.73
N GLY A 157 3.26 -21.64 -21.90
CA GLY A 157 3.17 -23.00 -21.36
C GLY A 157 4.28 -23.42 -20.40
N LYS A 158 5.13 -22.48 -19.99
CA LYS A 158 6.22 -22.72 -19.01
C LYS A 158 5.72 -22.37 -17.60
N ILE A 159 6.37 -22.91 -16.57
CA ILE A 159 6.14 -22.47 -15.20
C ILE A 159 7.18 -21.43 -14.87
N VAL A 160 6.70 -20.25 -14.48
CA VAL A 160 7.59 -19.17 -14.24
C VAL A 160 8.00 -19.17 -12.76
N ILE A 161 9.30 -18.97 -12.48
CA ILE A 161 9.74 -18.72 -11.10
C ILE A 161 10.33 -17.31 -11.01
N ALA A 162 9.81 -16.53 -10.07
CA ALA A 162 10.20 -15.15 -9.89
C ALA A 162 10.54 -14.87 -8.44
N ARG A 163 11.51 -13.99 -8.23
CA ARG A 163 11.78 -13.54 -6.88
C ARG A 163 10.90 -12.37 -6.49
N TYR A 164 10.43 -12.40 -5.25
CA TYR A 164 9.69 -11.30 -4.67
C TYR A 164 10.59 -10.08 -4.64
N GLY A 165 9.99 -8.90 -4.63
CA GLY A 165 10.77 -7.66 -4.50
C GLY A 165 10.44 -6.70 -5.63
N LYS A 166 10.72 -5.42 -5.40
CA LYS A 166 10.64 -4.36 -6.42
C LYS A 166 9.24 -3.90 -6.72
N VAL A 167 8.33 -4.85 -6.97
CA VAL A 167 6.95 -4.51 -7.33
C VAL A 167 5.97 -5.42 -6.61
N PHE A 168 4.71 -4.96 -6.57
CA PHE A 168 3.63 -5.72 -5.97
C PHE A 168 3.47 -7.10 -6.65
N ARG A 169 3.31 -8.15 -5.83
CA ARG A 169 3.27 -9.52 -6.36
C ARG A 169 2.12 -9.75 -7.35
N GLY A 170 1.00 -9.01 -7.20
CA GLY A 170 -0.10 -9.11 -8.17
C GLY A 170 0.33 -8.72 -9.59
N ASN A 171 1.14 -7.64 -9.71
CA ASN A 171 1.68 -7.28 -11.02
C ASN A 171 2.58 -8.34 -11.65
N LYS A 172 3.37 -9.02 -10.81
CA LYS A 172 4.22 -10.13 -11.29
C LYS A 172 3.36 -11.22 -11.95
N VAL A 173 2.26 -11.54 -11.29
CA VAL A 173 1.41 -12.64 -11.70
C VAL A 173 0.66 -12.19 -12.97
N LYS A 174 0.20 -10.93 -13.00
CA LYS A 174 -0.44 -10.41 -14.24
C LYS A 174 0.56 -10.51 -15.40
N ASN A 175 1.78 -10.06 -15.18
CA ASN A 175 2.81 -10.10 -16.22
C ASN A 175 3.10 -11.54 -16.70
N ALA A 176 3.21 -12.46 -15.75
CA ALA A 176 3.48 -13.86 -16.11
C ALA A 176 2.32 -14.41 -16.91
N GLN A 177 1.12 -14.06 -16.48
CA GLN A 177 -0.09 -14.59 -17.11
C GLN A 177 -0.17 -14.09 -18.55
N LEU A 178 0.13 -12.80 -18.77
CA LEU A 178 0.13 -12.24 -20.14
C LEU A 178 1.29 -12.74 -21.01
N ALA A 179 2.35 -13.23 -20.40
CA ALA A 179 3.43 -13.86 -21.18
C ALA A 179 3.12 -15.32 -21.54
N GLY A 180 1.97 -15.83 -21.09
CA GLY A 180 1.54 -17.19 -21.42
C GLY A 180 1.96 -18.28 -20.44
N ALA A 181 2.47 -17.91 -19.26
CA ALA A 181 2.88 -18.89 -18.25
C ALA A 181 1.69 -19.76 -17.82
N LYS A 182 1.93 -20.99 -17.38
CA LYS A 182 0.80 -21.78 -16.87
C LYS A 182 0.90 -21.92 -15.36
N GLY A 183 1.91 -21.31 -14.76
CA GLY A 183 1.97 -21.24 -13.31
C GLY A 183 3.07 -20.32 -12.84
N VAL A 184 2.97 -19.84 -11.60
CA VAL A 184 3.97 -18.93 -11.05
C VAL A 184 4.45 -19.42 -9.68
N ILE A 185 5.76 -19.49 -9.52
CA ILE A 185 6.35 -19.78 -8.24
C ILE A 185 7.05 -18.52 -7.80
N LEU A 186 6.67 -18.02 -6.63
CA LEU A 186 7.27 -16.83 -6.05
C LEU A 186 8.23 -17.26 -4.93
N TYR A 187 9.40 -16.65 -4.84
CA TYR A 187 10.29 -16.98 -3.72
C TYR A 187 11.01 -15.74 -3.19
N SER A 188 11.50 -15.86 -1.95
CA SER A 188 12.25 -14.80 -1.33
C SER A 188 13.74 -15.06 -1.47
N ASP A 189 14.42 -14.22 -2.24
CA ASP A 189 15.87 -14.39 -2.44
C ASP A 189 16.60 -13.68 -1.32
N PRO A 190 17.69 -14.28 -0.79
CA PRO A 190 18.46 -13.60 0.26
C PRO A 190 19.00 -12.25 -0.22
N ALA A 191 19.19 -12.08 -1.53
CA ALA A 191 19.63 -10.77 -2.03
C ALA A 191 18.66 -9.65 -1.67
N ASP A 192 17.38 -9.99 -1.51
CA ASP A 192 16.34 -9.04 -1.23
C ASP A 192 15.81 -9.12 0.19
N TYR A 193 15.98 -10.26 0.86
CA TYR A 193 15.37 -10.44 2.19
C TYR A 193 16.36 -10.90 3.26
N PHE A 194 17.65 -10.69 3.04
CA PHE A 194 18.63 -11.10 4.05
C PHE A 194 19.69 -10.02 4.04
N ALA A 195 19.65 -9.13 5.03
CA ALA A 195 20.61 -8.06 5.16
C ALA A 195 21.96 -8.64 5.61
N PRO A 196 23.05 -8.26 4.92
CA PRO A 196 24.39 -8.77 5.29
C PRO A 196 24.79 -8.44 6.77
N GLY A 197 25.42 -9.39 7.44
CA GLY A 197 25.90 -9.24 8.84
C GLY A 197 24.85 -9.29 9.94
N VAL A 198 23.61 -9.60 9.59
CA VAL A 198 22.52 -9.78 10.56
C VAL A 198 22.08 -11.25 10.55
N LYS A 199 21.69 -11.76 11.71
CA LYS A 199 21.32 -13.16 11.85
C LYS A 199 19.86 -13.41 11.47
N SER A 200 19.54 -14.63 11.00
CA SER A 200 18.16 -15.10 10.82
C SER A 200 17.40 -15.09 12.15
N TYR A 201 16.11 -14.85 12.06
CA TYR A 201 15.17 -15.05 13.17
C TYR A 201 15.34 -16.47 13.72
N PRO A 202 15.38 -16.66 15.05
CA PRO A 202 15.11 -15.75 16.17
C PRO A 202 16.31 -14.93 16.69
N ASP A 203 17.47 -15.07 16.06
CA ASP A 203 18.67 -14.44 16.57
C ASP A 203 18.95 -13.07 15.94
N GLY A 204 18.15 -12.71 14.94
CA GLY A 204 18.26 -11.42 14.29
C GLY A 204 17.00 -11.26 13.51
N TRP A 205 16.95 -10.21 12.71
CA TRP A 205 15.71 -9.83 12.04
C TRP A 205 15.65 -10.25 10.58
N ASN A 206 16.57 -11.13 10.19
CA ASN A 206 16.58 -11.70 8.82
C ASN A 206 15.65 -12.88 8.59
N LEU A 207 15.26 -13.09 7.32
CA LEU A 207 14.45 -14.24 6.91
C LEU A 207 15.28 -15.51 6.88
N PRO A 208 14.85 -16.54 7.63
CA PRO A 208 15.47 -17.85 7.49
C PRO A 208 15.13 -18.52 6.15
N GLY A 209 15.89 -19.56 5.82
CA GLY A 209 15.68 -20.31 4.58
C GLY A 209 14.32 -20.99 4.46
N GLY A 210 13.68 -21.25 5.59
CA GLY A 210 12.36 -21.90 5.63
C GLY A 210 11.22 -20.86 5.71
N GLY A 211 11.59 -19.60 5.87
CA GLY A 211 10.62 -18.47 5.92
C GLY A 211 9.96 -18.22 4.57
N VAL A 212 8.69 -17.84 4.59
CA VAL A 212 7.90 -17.65 3.36
C VAL A 212 6.95 -16.46 3.49
N GLN A 213 6.90 -15.64 2.44
CA GLN A 213 6.01 -14.46 2.43
C GLN A 213 4.67 -14.86 1.86
N ARG A 214 3.63 -14.79 2.70
CA ARG A 214 2.25 -14.92 2.21
C ARG A 214 1.86 -13.66 1.40
N GLY A 215 0.71 -13.69 0.75
CA GLY A 215 0.11 -12.41 0.23
C GLY A 215 -0.80 -12.66 -0.96
N ASN A 216 -1.78 -11.75 -1.18
CA ASN A 216 -2.71 -11.94 -2.29
C ASN A 216 -2.02 -11.54 -3.59
N ILE A 217 -2.53 -12.08 -4.69
CA ILE A 217 -1.98 -11.85 -6.01
C ILE A 217 -3.11 -11.35 -6.96
N LEU A 218 -4.06 -10.59 -6.41
CA LEU A 218 -5.17 -9.98 -7.17
C LEU A 218 -4.69 -8.79 -7.99
N ASN A 219 -5.45 -8.44 -9.03
CA ASN A 219 -5.24 -7.17 -9.77
C ASN A 219 -6.59 -6.47 -9.79
N LEU A 220 -6.94 -5.90 -8.64
CA LEU A 220 -8.25 -5.30 -8.47
C LEU A 220 -8.39 -3.91 -9.07
N ASN A 221 -7.28 -3.17 -9.22
CA ASN A 221 -7.38 -1.76 -9.69
C ASN A 221 -8.38 -0.91 -8.93
N GLY A 222 -8.45 -1.11 -7.60
CA GLY A 222 -9.35 -0.32 -6.75
C GLY A 222 -10.77 -0.82 -6.61
N ALA A 223 -11.08 -1.99 -7.16
CA ALA A 223 -12.47 -2.47 -7.20
C ALA A 223 -13.05 -2.90 -5.82
N GLY A 224 -12.19 -3.32 -4.88
CA GLY A 224 -12.68 -3.90 -3.59
C GLY A 224 -13.07 -5.35 -3.80
N ASP A 225 -14.09 -5.82 -3.09
CA ASP A 225 -14.53 -7.22 -3.24
C ASP A 225 -14.69 -7.58 -4.69
N PRO A 226 -13.98 -8.63 -5.16
CA PRO A 226 -14.04 -9.07 -6.56
C PRO A 226 -15.47 -9.26 -7.09
N LEU A 227 -16.41 -9.60 -6.22
CA LEU A 227 -17.75 -9.93 -6.70
C LEU A 227 -18.73 -8.76 -6.79
N THR A 228 -18.41 -7.61 -6.17
CA THR A 228 -19.40 -6.50 -6.08
C THR A 228 -18.80 -5.13 -6.39
N PRO A 229 -18.07 -4.99 -7.52
CA PRO A 229 -17.46 -3.68 -7.79
C PRO A 229 -18.50 -2.56 -7.93
N GLY A 230 -18.27 -1.46 -7.21
CA GLY A 230 -19.13 -0.27 -7.26
C GLY A 230 -20.06 -0.18 -6.05
N TYR A 231 -20.35 -1.33 -5.38
CA TYR A 231 -21.48 -1.37 -4.42
C TYR A 231 -21.07 -2.18 -3.18
N PRO A 232 -21.60 -1.84 -1.99
CA PRO A 232 -21.09 -2.60 -0.83
C PRO A 232 -21.63 -4.03 -0.85
N ALA A 233 -20.80 -4.98 -0.35
CA ALA A 233 -21.17 -6.39 -0.33
C ALA A 233 -22.05 -6.68 0.89
N ASN A 234 -23.22 -6.07 0.92
CA ASN A 234 -24.15 -6.19 2.03
C ASN A 234 -25.01 -7.43 1.89
N GLU A 235 -26.08 -7.49 2.68
CA GLU A 235 -26.84 -8.73 2.80
C GLU A 235 -27.60 -9.05 1.51
N TYR A 236 -28.02 -8.03 0.76
CA TYR A 236 -28.85 -8.34 -0.44
C TYR A 236 -28.08 -8.10 -1.73
N ALA A 237 -26.76 -7.92 -1.63
CA ALA A 237 -25.94 -7.60 -2.80
C ALA A 237 -26.08 -8.65 -3.90
N TYR A 238 -26.11 -8.19 -5.16
CA TYR A 238 -26.08 -9.14 -6.25
CA TYR A 238 -26.03 -9.03 -6.38
C TYR A 238 -24.58 -9.32 -6.56
N ARG A 239 -24.19 -10.58 -6.69
CA ARG A 239 -22.77 -10.91 -6.84
C ARG A 239 -22.46 -11.39 -8.24
N ARG A 240 -21.34 -10.95 -8.79
CA ARG A 240 -20.87 -11.56 -10.03
C ARG A 240 -20.62 -13.07 -9.83
N GLY A 241 -20.79 -13.85 -10.89
CA GLY A 241 -20.28 -15.23 -10.85
C GLY A 241 -18.75 -15.15 -10.86
N ILE A 242 -18.09 -16.23 -10.42
CA ILE A 242 -16.61 -16.30 -10.35
C ILE A 242 -15.94 -15.91 -11.64
N ALA A 243 -16.49 -16.38 -12.75
CA ALA A 243 -15.88 -16.12 -14.06
C ALA A 243 -15.92 -14.66 -14.48
N GLU A 244 -16.82 -13.85 -13.86
CA GLU A 244 -16.82 -12.40 -14.14
C GLU A 244 -16.21 -11.56 -13.00
N ALA A 245 -15.66 -12.23 -11.98
CA ALA A 245 -15.08 -11.54 -10.83
C ALA A 245 -13.91 -10.64 -11.26
N VAL A 246 -13.67 -9.61 -10.48
CA VAL A 246 -12.61 -8.69 -10.80
C VAL A 246 -11.30 -9.20 -10.24
N GLY A 247 -10.27 -9.26 -11.09
CA GLY A 247 -8.88 -9.26 -10.58
C GLY A 247 -8.26 -10.63 -10.28
N LEU A 248 -9.01 -11.71 -10.52
CA LEU A 248 -8.54 -13.05 -10.10
C LEU A 248 -7.52 -13.56 -11.10
N PRO A 249 -6.48 -14.25 -10.63
CA PRO A 249 -5.47 -14.76 -11.54
C PRO A 249 -6.02 -16.01 -12.22
N SER A 250 -5.55 -16.31 -13.43
CA SER A 250 -6.06 -17.45 -14.14
C SER A 250 -5.08 -18.66 -14.11
N ILE A 251 -3.92 -18.49 -13.47
CA ILE A 251 -2.95 -19.60 -13.34
C ILE A 251 -2.57 -19.77 -11.86
N PRO A 252 -2.24 -21.01 -11.44
CA PRO A 252 -1.85 -21.28 -10.06
C PRO A 252 -0.53 -20.60 -9.71
N VAL A 253 -0.43 -20.21 -8.44
CA VAL A 253 0.69 -19.44 -7.92
C VAL A 253 0.93 -19.92 -6.50
N HIS A 254 2.19 -19.96 -6.09
CA HIS A 254 2.50 -20.42 -4.75
C HIS A 254 3.85 -19.84 -4.33
N PRO A 255 3.99 -19.41 -3.06
CA PRO A 255 5.24 -18.83 -2.59
C PRO A 255 6.06 -19.86 -1.80
N ILE A 256 7.39 -19.73 -1.89
CA ILE A 256 8.33 -20.65 -1.21
C ILE A 256 9.48 -19.82 -0.62
N GLY A 257 10.24 -20.42 0.30
CA GLY A 257 11.42 -19.79 0.87
C GLY A 257 12.67 -20.16 0.08
N TYR A 258 13.82 -19.63 0.49
CA TYR A 258 14.99 -19.78 -0.35
C TYR A 258 15.74 -21.13 -0.22
N TYR A 259 15.58 -21.86 0.88
CA TYR A 259 16.05 -23.27 0.87
C TYR A 259 15.37 -24.08 -0.26
N ASP A 260 14.05 -23.95 -0.36
CA ASP A 260 13.28 -24.63 -1.40
C ASP A 260 13.56 -24.08 -2.79
N ALA A 261 13.66 -22.74 -2.91
CA ALA A 261 14.00 -22.12 -4.20
C ALA A 261 15.33 -22.63 -4.74
N GLN A 262 16.33 -22.76 -3.87
CA GLN A 262 17.62 -23.28 -4.31
C GLN A 262 17.52 -24.68 -4.98
N LYS A 263 16.70 -25.55 -4.40
CA LYS A 263 16.51 -26.90 -4.93
C LYS A 263 15.88 -26.83 -6.32
N LEU A 264 14.99 -25.85 -6.52
CA LEU A 264 14.39 -25.60 -7.84
C LEU A 264 15.29 -24.88 -8.84
N LEU A 265 16.12 -23.95 -8.37
CA LEU A 265 16.99 -23.18 -9.27
C LEU A 265 18.29 -23.90 -9.63
N GLU A 266 18.84 -24.69 -8.71
CA GLU A 266 20.19 -25.23 -8.90
C GLU A 266 20.36 -26.06 -10.19
N LYS A 267 19.27 -26.61 -10.70
CA LYS A 267 19.35 -27.47 -11.87
C LYS A 267 19.07 -26.75 -13.20
N MET A 268 18.72 -25.47 -13.15
CA MET A 268 18.29 -24.78 -14.38
C MET A 268 19.37 -24.66 -15.49
N GLY A 269 18.95 -24.95 -16.73
CA GLY A 269 19.84 -24.89 -17.88
C GLY A 269 19.41 -23.79 -18.81
N GLY A 270 19.57 -24.02 -20.11
CA GLY A 270 19.20 -23.01 -21.09
C GLY A 270 20.17 -21.84 -21.00
N SER A 271 19.65 -20.65 -21.25
CA SER A 271 20.44 -19.43 -21.32
C SER A 271 20.92 -18.89 -19.96
N ALA A 272 22.13 -18.33 -19.95
CA ALA A 272 22.71 -17.63 -18.80
C ALA A 272 21.88 -16.39 -18.45
N PRO A 273 21.95 -15.91 -17.18
CA PRO A 273 21.30 -14.63 -16.89
C PRO A 273 21.90 -13.51 -17.77
N PRO A 274 21.05 -12.58 -18.27
CA PRO A 274 21.56 -11.55 -19.20
C PRO A 274 22.63 -10.64 -18.59
N ASP A 275 22.55 -10.38 -17.28
CA ASP A 275 23.54 -9.55 -16.59
C ASP A 275 23.41 -9.77 -15.07
N SER A 276 24.32 -9.16 -14.31
CA SER A 276 24.39 -9.32 -12.86
CA SER A 276 24.37 -9.32 -12.86
C SER A 276 23.11 -8.87 -12.12
N SER A 277 22.30 -7.99 -12.72
CA SER A 277 21.07 -7.51 -12.07
C SER A 277 20.00 -8.60 -11.98
N TRP A 278 20.25 -9.71 -12.67
CA TRP A 278 19.36 -10.86 -12.71
C TRP A 278 19.82 -11.95 -11.71
N ARG A 279 21.01 -11.78 -11.12
CA ARG A 279 21.54 -12.75 -10.16
C ARG A 279 21.24 -12.35 -8.72
N GLY A 280 20.61 -13.25 -7.97
CA GLY A 280 20.44 -13.09 -6.52
C GLY A 280 21.69 -13.55 -5.76
N SER A 281 21.50 -13.95 -4.49
CA SER A 281 22.61 -14.33 -3.64
C SER A 281 22.75 -15.81 -3.36
N LEU A 282 21.92 -16.64 -3.98
CA LEU A 282 22.08 -18.07 -3.77
C LEU A 282 23.26 -18.59 -4.59
N LYS A 283 23.82 -19.70 -4.18
CA LYS A 283 24.95 -20.24 -4.94
C LYS A 283 24.41 -21.12 -6.07
N VAL A 284 23.79 -20.43 -7.05
CA VAL A 284 23.22 -21.04 -8.25
C VAL A 284 23.54 -20.11 -9.43
N PRO A 285 23.50 -20.64 -10.68
CA PRO A 285 23.85 -19.77 -11.80
C PRO A 285 22.79 -18.72 -12.16
N TYR A 286 21.54 -18.91 -11.73
CA TYR A 286 20.43 -18.03 -12.15
C TYR A 286 20.18 -18.07 -13.66
N ASN A 287 20.45 -19.23 -14.26
CA ASN A 287 20.13 -19.49 -15.66
C ASN A 287 18.65 -19.27 -15.87
N VAL A 288 18.31 -18.68 -17.01
CA VAL A 288 16.92 -18.34 -17.25
C VAL A 288 16.07 -19.56 -17.69
N GLY A 289 16.73 -20.64 -18.13
CA GLY A 289 15.99 -21.77 -18.65
C GLY A 289 15.73 -21.54 -20.13
N PRO A 290 14.64 -22.14 -20.66
CA PRO A 290 13.67 -22.98 -19.96
C PRO A 290 14.24 -24.36 -19.60
N GLY A 291 13.75 -24.96 -18.51
CA GLY A 291 14.14 -26.35 -18.19
C GLY A 291 15.49 -26.49 -17.50
N PHE A 292 15.82 -27.74 -17.16
CA PHE A 292 17.02 -28.11 -16.39
C PHE A 292 18.16 -28.51 -17.34
N THR A 293 19.42 -28.52 -16.86
CA THR A 293 20.57 -28.88 -17.71
C THR A 293 20.61 -30.36 -18.05
N GLY A 294 21.46 -30.71 -19.01
CA GLY A 294 21.73 -32.08 -19.45
C GLY A 294 21.09 -33.25 -18.73
N ASN A 295 21.71 -33.67 -17.62
CA ASN A 295 21.25 -34.80 -16.80
C ASN A 295 19.79 -34.81 -16.44
N PHE A 296 19.27 -33.64 -16.08
CA PHE A 296 17.96 -33.55 -15.47
C PHE A 296 16.94 -32.99 -16.48
N SER A 297 17.28 -33.05 -17.77
CA SER A 297 16.43 -32.39 -18.78
C SER A 297 15.05 -33.04 -18.89
N THR A 298 14.90 -34.24 -18.34
CA THR A 298 13.62 -34.96 -18.39
C THR A 298 12.78 -34.80 -17.12
N GLN A 299 13.33 -34.10 -16.13
CA GLN A 299 12.60 -33.82 -14.91
C GLN A 299 11.77 -32.57 -15.13
N LYS A 300 10.64 -32.48 -14.44
CA LYS A 300 9.74 -31.34 -14.62
C LYS A 300 9.38 -30.78 -13.24
N VAL A 301 8.80 -29.58 -13.21
CA VAL A 301 8.28 -29.02 -11.97
C VAL A 301 6.75 -29.19 -11.96
N LYS A 302 6.20 -29.68 -10.85
CA LYS A 302 4.76 -29.84 -10.69
C LYS A 302 4.20 -29.04 -9.49
N MET A 303 3.17 -28.23 -9.72
CA MET A 303 2.48 -27.53 -8.65
C MET A 303 1.25 -28.35 -8.22
N HIS A 304 0.87 -28.20 -6.95
CA HIS A 304 -0.34 -28.82 -6.45
C HIS A 304 -1.03 -27.75 -5.64
N ILE A 305 -2.00 -27.08 -6.25
CA ILE A 305 -2.74 -26.01 -5.58
C ILE A 305 -4.22 -26.37 -5.48
N HIS A 306 -4.72 -26.36 -4.23
CA HIS A 306 -6.09 -26.77 -3.91
C HIS A 306 -6.84 -25.76 -3.04
N SER A 307 -6.35 -24.52 -3.03
CA SER A 307 -6.97 -23.45 -2.24
C SER A 307 -8.32 -23.19 -2.83
N THR A 308 -9.26 -22.69 -2.02
CA THR A 308 -10.61 -22.32 -2.48
C THR A 308 -10.97 -20.88 -2.15
N ASN A 309 -11.72 -20.26 -3.05
CA ASN A 309 -12.21 -18.90 -2.80
C ASN A 309 -13.58 -19.07 -2.17
N GLU A 310 -13.87 -18.30 -1.14
CA GLU A 310 -15.18 -18.38 -0.49
C GLU A 310 -15.65 -17.07 0.07
N VAL A 311 -16.94 -16.84 -0.09
CA VAL A 311 -17.56 -15.61 0.34
C VAL A 311 -17.62 -15.77 1.85
N THR A 312 -17.02 -14.82 2.56
CA THR A 312 -16.83 -14.91 4.01
C THR A 312 -17.14 -13.54 4.64
N ARG A 313 -17.66 -13.56 5.87
CA ARG A 313 -18.04 -12.29 6.52
C ARG A 313 -16.78 -11.65 7.11
N ILE A 314 -16.67 -10.33 6.95
CA ILE A 314 -15.59 -9.52 7.53
C ILE A 314 -16.22 -8.37 8.34
N TYR A 315 -15.44 -7.77 9.25
CA TYR A 315 -15.96 -6.80 10.23
C TYR A 315 -15.01 -5.62 10.38
N ASN A 316 -15.47 -4.43 10.01
CA ASN A 316 -14.69 -3.22 10.32
C ASN A 316 -15.23 -2.69 11.66
N VAL A 317 -14.34 -2.09 12.44
CA VAL A 317 -14.81 -1.35 13.63
C VAL A 317 -14.76 0.13 13.26
N ILE A 318 -15.86 0.85 13.48
CA ILE A 318 -15.95 2.29 13.12
C ILE A 318 -16.30 3.05 14.38
N GLY A 319 -15.37 3.89 14.86
CA GLY A 319 -15.58 4.69 16.11
C GLY A 319 -15.80 6.15 15.73
N THR A 320 -16.73 6.84 16.38
CA THR A 320 -17.02 8.26 16.09
C THR A 320 -16.75 9.14 17.31
N LEU A 321 -16.02 10.23 17.09
CA LEU A 321 -15.89 11.27 18.08
C LEU A 321 -16.49 12.53 17.44
N ARG A 322 -17.70 12.87 17.85
CA ARG A 322 -18.48 13.92 17.17
C ARG A 322 -17.85 15.32 17.37
N GLY A 323 -17.75 16.08 16.28
CA GLY A 323 -17.24 17.43 16.34
C GLY A 323 -18.17 18.39 17.06
N ALA A 324 -17.59 19.32 17.83
CA ALA A 324 -18.36 20.36 18.53
C ALA A 324 -18.93 21.42 17.62
N VAL A 325 -18.22 21.74 16.55
CA VAL A 325 -18.60 22.90 15.72
C VAL A 325 -19.01 22.46 14.31
N GLU A 326 -18.24 21.54 13.71
CA GLU A 326 -18.53 21.06 12.37
C GLU A 326 -18.66 19.54 12.40
N PRO A 327 -19.76 19.03 13.02
CA PRO A 327 -19.84 17.56 13.11
C PRO A 327 -19.99 16.90 11.74
N ASP A 328 -20.38 17.69 10.71
CA ASP A 328 -20.58 17.13 9.36
C ASP A 328 -19.31 17.22 8.51
N ARG A 329 -18.15 17.27 9.16
CA ARG A 329 -16.86 17.23 8.47
C ARG A 329 -16.07 16.16 9.14
N TYR A 330 -15.51 15.25 8.34
CA TYR A 330 -14.88 14.03 8.89
C TYR A 330 -13.42 13.96 8.63
N VAL A 331 -12.66 13.75 9.70
CA VAL A 331 -11.22 13.47 9.56
C VAL A 331 -11.13 12.00 10.00
N ILE A 332 -10.52 11.17 9.16
CA ILE A 332 -10.54 9.72 9.34
C ILE A 332 -9.15 9.22 9.64
N LEU A 333 -9.00 8.48 10.73
CA LEU A 333 -7.78 7.76 11.01
C LEU A 333 -8.11 6.29 10.87
N GLY A 334 -7.53 5.58 9.87
CA GLY A 334 -7.95 4.18 9.64
C GLY A 334 -6.74 3.31 9.40
N GLY A 335 -6.77 2.06 9.86
CA GLY A 335 -5.73 1.13 9.44
C GLY A 335 -6.31 -0.25 9.66
N HIS A 336 -5.68 -1.28 9.10
CA HIS A 336 -6.27 -2.62 9.17
C HIS A 336 -5.87 -3.40 10.45
N ARG A 337 -6.63 -4.47 10.70
CA ARG A 337 -6.53 -5.26 11.90
C ARG A 337 -6.20 -6.72 11.52
N ASP A 338 -6.65 -7.15 10.33
CA ASP A 338 -6.39 -8.54 9.89
C ASP A 338 -4.91 -8.70 9.59
N SER A 339 -4.41 -9.91 9.83
CA SER A 339 -3.00 -10.15 9.57
C SER A 339 -2.87 -11.51 8.86
N TRP A 340 -1.73 -11.76 8.22
CA TRP A 340 -1.48 -13.09 7.65
C TRP A 340 -1.27 -14.11 8.78
N VAL A 341 -0.42 -13.80 9.75
CA VAL A 341 -0.28 -14.68 10.92
C VAL A 341 -0.38 -13.79 12.17
N PHE A 342 0.75 -13.50 12.82
CA PHE A 342 0.73 -12.75 14.09
C PHE A 342 0.63 -11.24 13.91
N GLY A 343 1.11 -10.77 12.76
CA GLY A 343 1.03 -9.33 12.43
C GLY A 343 1.83 -8.46 13.37
N GLY A 344 2.99 -8.97 13.85
CA GLY A 344 3.85 -8.23 14.79
C GLY A 344 4.17 -6.81 14.32
N ILE A 345 4.48 -6.66 13.03
CA ILE A 345 4.62 -5.36 12.43
C ILE A 345 3.35 -5.02 11.64
N ASP A 346 2.95 -5.91 10.75
CA ASP A 346 1.94 -5.61 9.73
C ASP A 346 0.68 -6.42 10.07
N PRO A 347 -0.35 -5.78 10.66
CA PRO A 347 -0.57 -4.34 10.88
C PRO A 347 -0.52 -3.95 12.34
N GLN A 348 -0.24 -4.87 13.28
CA GLN A 348 -0.49 -4.53 14.69
C GLN A 348 0.41 -3.42 15.25
N SER A 349 1.60 -3.21 14.69
CA SER A 349 2.41 -2.06 15.14
C SER A 349 1.69 -0.75 14.80
N GLY A 350 0.90 -0.77 13.73
CA GLY A 350 -0.02 0.35 13.39
C GLY A 350 -1.27 0.39 14.21
N ALA A 351 -1.93 -0.74 14.40
CA ALA A 351 -3.21 -0.77 15.15
C ALA A 351 -3.01 -0.43 16.63
N ALA A 352 -1.87 -0.81 17.20
CA ALA A 352 -1.58 -0.47 18.61
C ALA A 352 -1.44 1.03 18.77
N VAL A 353 -0.85 1.67 17.77
CA VAL A 353 -0.72 3.13 17.75
C VAL A 353 -2.10 3.82 17.60
N VAL A 354 -2.95 3.30 16.72
CA VAL A 354 -4.31 3.85 16.58
C VAL A 354 -5.01 3.71 17.95
N HIS A 355 -4.85 2.55 18.56
CA HIS A 355 -5.50 2.29 19.84
C HIS A 355 -5.09 3.33 20.89
N GLU A 356 -3.79 3.61 20.99
CA GLU A 356 -3.32 4.62 21.95
C GLU A 356 -3.79 6.04 21.59
N ILE A 357 -3.89 6.34 20.29
CA ILE A 357 -4.42 7.61 19.85
C ILE A 357 -5.89 7.79 20.27
N VAL A 358 -6.72 6.77 20.01
CA VAL A 358 -8.13 6.78 20.48
C VAL A 358 -8.17 7.01 21.99
N ARG A 359 -7.35 6.25 22.72
CA ARG A 359 -7.30 6.37 24.17
C ARG A 359 -6.99 7.82 24.58
N SER A 360 -6.01 8.45 23.92
CA SER A 360 -5.65 9.84 24.24
C SER A 360 -6.75 10.85 23.91
N PHE A 361 -7.31 10.77 22.71
CA PHE A 361 -8.43 11.65 22.38
C PHE A 361 -9.57 11.48 23.40
N GLY A 362 -9.85 10.23 23.80
CA GLY A 362 -10.87 9.94 24.80
C GLY A 362 -10.61 10.53 26.17
N THR A 363 -9.36 10.61 26.61
CA THR A 363 -9.03 11.21 27.90
C THR A 363 -9.45 12.68 27.83
N LEU A 364 -9.10 13.36 26.73
CA LEU A 364 -9.47 14.77 26.57
CA LEU A 364 -9.48 14.77 26.51
C LEU A 364 -11.00 14.91 26.50
N LYS A 365 -11.66 14.04 25.75
CA LYS A 365 -13.11 14.05 25.71
C LYS A 365 -13.73 13.89 27.11
N LYS A 366 -13.14 13.06 27.97
CA LYS A 366 -13.73 12.81 29.29
C LYS A 366 -13.62 14.02 30.18
N GLU A 367 -12.68 14.91 29.85
CA GLU A 367 -12.55 16.20 30.57
C GLU A 367 -13.37 17.34 29.96
N GLY A 368 -14.25 17.01 29.01
CA GLY A 368 -15.17 17.98 28.42
C GLY A 368 -14.74 18.55 27.08
N TRP A 369 -13.60 18.10 26.54
CA TRP A 369 -13.14 18.58 25.23
C TRP A 369 -13.82 17.81 24.07
N ARG A 370 -14.05 18.49 22.96
CA ARG A 370 -14.40 17.85 21.71
C ARG A 370 -13.58 18.50 20.61
N PRO A 371 -13.19 17.73 19.57
CA PRO A 371 -12.55 18.40 18.42
C PRO A 371 -13.58 19.27 17.70
N ARG A 372 -13.10 20.25 16.94
CA ARG A 372 -13.99 21.09 16.13
C ARG A 372 -14.79 20.25 15.10
N ARG A 373 -14.08 19.39 14.39
CA ARG A 373 -14.68 18.49 13.36
C ARG A 373 -14.80 17.06 13.90
N THR A 374 -15.69 16.29 13.32
CA THR A 374 -15.79 14.87 13.68
C THR A 374 -14.51 14.09 13.30
N ILE A 375 -14.08 13.21 14.20
CA ILE A 375 -13.04 12.28 13.89
C ILE A 375 -13.65 10.88 13.86
N LEU A 376 -13.38 10.16 12.78
CA LEU A 376 -13.73 8.75 12.62
C LEU A 376 -12.47 7.91 12.74
N PHE A 377 -12.59 6.83 13.50
CA PHE A 377 -11.49 5.90 13.71
C PHE A 377 -11.94 4.55 13.14
N ALA A 378 -11.06 3.93 12.35
CA ALA A 378 -11.40 2.65 11.71
C ALA A 378 -10.34 1.56 11.92
N SER A 379 -10.84 0.37 12.24
CA SER A 379 -10.07 -0.87 12.28
C SER A 379 -10.59 -1.68 11.11
N TRP A 380 -9.86 -1.68 9.99
CA TRP A 380 -10.37 -2.33 8.76
C TRP A 380 -10.07 -3.81 8.75
N ASP A 381 -10.98 -4.57 8.15
CA ASP A 381 -10.77 -6.01 8.02
C ASP A 381 -10.40 -6.29 6.57
N ALA A 382 -9.83 -7.49 6.36
CA ALA A 382 -9.52 -8.07 5.05
C ALA A 382 -8.70 -7.12 4.16
N GLU A 383 -7.89 -6.26 4.77
CA GLU A 383 -6.97 -5.50 3.96
C GLU A 383 -6.05 -6.43 3.19
N GLU A 384 -5.59 -7.51 3.84
CA GLU A 384 -4.56 -8.38 3.21
C GLU A 384 -5.09 -9.12 2.00
N PHE A 385 -6.41 -9.17 1.87
CA PHE A 385 -7.04 -9.83 0.74
C PHE A 385 -7.51 -8.86 -0.33
N GLY A 386 -7.03 -7.60 -0.27
CA GLY A 386 -7.29 -6.68 -1.38
C GLY A 386 -7.97 -5.40 -0.94
N LEU A 387 -7.65 -4.93 0.26
CA LEU A 387 -8.20 -3.66 0.78
C LEU A 387 -9.72 -3.74 0.87
N LEU A 388 -10.23 -4.94 1.21
CA LEU A 388 -11.64 -5.22 1.00
C LEU A 388 -12.52 -4.46 2.01
N GLY A 389 -12.14 -4.45 3.29
CA GLY A 389 -12.95 -3.83 4.32
C GLY A 389 -13.06 -2.30 4.16
N SER A 390 -11.94 -1.62 3.94
CA SER A 390 -12.02 -0.16 3.76
C SER A 390 -12.83 0.16 2.48
N THR A 391 -12.56 -0.59 1.41
CA THR A 391 -13.21 -0.27 0.12
C THR A 391 -14.73 -0.51 0.19
N GLU A 392 -15.17 -1.62 0.78
CA GLU A 392 -16.62 -1.90 0.85
C GLU A 392 -17.30 -0.83 1.71
N TRP A 393 -16.68 -0.43 2.81
CA TRP A 393 -17.27 0.58 3.70
C TRP A 393 -17.30 1.94 2.98
N ALA A 394 -16.24 2.27 2.23
CA ALA A 394 -16.28 3.52 1.44
C ALA A 394 -17.31 3.46 0.31
N GLU A 395 -17.49 2.28 -0.30
CA GLU A 395 -18.57 2.16 -1.31
C GLU A 395 -19.94 2.36 -0.68
N GLU A 396 -20.15 1.75 0.49
CA GLU A 396 -21.40 1.98 1.20
C GLU A 396 -21.66 3.47 1.55
N ASN A 397 -20.61 4.16 1.98
CA ASN A 397 -20.72 5.54 2.52
C ASN A 397 -20.17 6.62 1.60
N SER A 398 -20.08 6.32 0.31
CA SER A 398 -19.37 7.19 -0.63
C SER A 398 -20.00 8.61 -0.70
N ARG A 399 -21.32 8.71 -0.58
CA ARG A 399 -21.93 10.03 -0.67
C ARG A 399 -21.55 10.88 0.57
N LEU A 400 -21.52 10.27 1.76
CA LEU A 400 -21.18 11.02 2.96
C LEU A 400 -19.70 11.44 2.84
N LEU A 401 -18.87 10.51 2.37
CA LEU A 401 -17.41 10.76 2.29
C LEU A 401 -17.07 11.83 1.27
N GLN A 402 -17.74 11.77 0.13
CA GLN A 402 -17.55 12.71 -1.03
C GLN A 402 -17.85 14.14 -0.52
N GLU A 403 -18.97 14.28 0.19
CA GLU A 403 -19.42 15.64 0.56
C GLU A 403 -18.88 16.14 1.89
N ARG A 404 -18.36 15.24 2.73
CA ARG A 404 -17.99 15.66 4.11
C ARG A 404 -16.55 15.28 4.49
N GLY A 405 -15.86 14.54 3.63
CA GLY A 405 -14.55 13.94 4.00
C GLY A 405 -13.46 15.00 3.90
N VAL A 406 -12.88 15.37 5.02
CA VAL A 406 -11.81 16.35 5.01
C VAL A 406 -10.47 15.69 4.64
N ALA A 407 -10.17 14.55 5.30
CA ALA A 407 -8.87 13.91 5.15
C ALA A 407 -8.91 12.51 5.69
N TYR A 408 -8.00 11.68 5.17
CA TYR A 408 -7.84 10.30 5.61
C TYR A 408 -6.38 10.13 5.94
N ILE A 409 -6.11 9.72 7.17
CA ILE A 409 -4.75 9.36 7.58
C ILE A 409 -4.67 7.83 7.78
N ASN A 410 -3.79 7.16 7.03
CA ASN A 410 -3.65 5.71 7.14
C ASN A 410 -2.84 5.35 8.38
N ALA A 411 -2.99 4.11 8.84
CA ALA A 411 -2.27 3.76 10.07
C ALA A 411 -2.02 2.25 10.06
N ASP A 412 -1.33 1.80 9.03
CA ASP A 412 -0.78 0.45 9.02
C ASP A 412 0.59 0.45 9.74
N SER A 413 1.45 -0.52 9.45
CA SER A 413 2.76 -0.70 10.12
C SER A 413 3.41 0.64 10.53
N SER A 414 3.63 0.81 11.84
CA SER A 414 4.33 2.03 12.33
C SER A 414 5.84 2.04 12.09
N ILE A 415 6.41 0.88 11.85
CA ILE A 415 7.85 0.72 11.65
C ILE A 415 8.09 -0.27 10.51
N GLU A 416 9.10 0.01 9.68
CA GLU A 416 9.68 -1.02 8.80
C GLU A 416 11.21 -0.93 8.90
N GLY A 417 11.68 -0.30 9.96
CA GLY A 417 13.09 0.05 10.13
C GLY A 417 13.17 0.97 11.35
N ASN A 418 14.36 1.38 11.74
CA ASN A 418 14.53 2.23 12.92
C ASN A 418 15.44 3.42 12.60
N TYR A 419 15.47 3.83 11.34
CA TYR A 419 16.43 4.84 10.93
C TYR A 419 15.83 6.25 10.92
N THR A 420 14.76 6.48 10.16
CA THR A 420 14.20 7.84 10.09
C THR A 420 12.73 7.78 9.72
N LEU A 421 12.10 8.96 9.64
CA LEU A 421 10.68 9.04 9.26
C LEU A 421 10.50 8.85 7.76
N ARG A 422 9.36 8.29 7.39
CA ARG A 422 8.93 8.22 6.02
C ARG A 422 7.52 8.80 5.99
N VAL A 423 7.26 9.72 5.07
CA VAL A 423 5.89 10.29 4.89
C VAL A 423 5.53 10.26 3.41
N ASP A 424 4.36 9.71 3.06
CA ASP A 424 3.84 9.85 1.72
C ASP A 424 2.49 10.52 1.87
N CYS A 425 2.18 11.53 1.06
CA CYS A 425 0.88 12.22 1.27
C CYS A 425 0.59 13.12 0.09
N THR A 426 -0.64 13.60 0.03
CA THR A 426 -0.97 14.69 -0.88
C THR A 426 -0.10 15.93 -0.64
N PRO A 427 0.25 16.66 -1.72
CA PRO A 427 0.89 17.99 -1.51
C PRO A 427 0.09 18.87 -0.54
N LEU A 428 -1.24 18.69 -0.44
CA LEU A 428 -2.05 19.56 0.44
C LEU A 428 -1.62 19.47 1.94
N MET A 429 -0.93 18.39 2.32
CA MET A 429 -0.48 18.19 3.67
C MET A 429 0.99 18.47 3.88
N TYR A 430 1.75 18.85 2.85
CA TYR A 430 3.20 19.07 3.06
C TYR A 430 3.49 20.06 4.19
N SER A 431 2.81 21.21 4.16
CA SER A 431 3.11 22.27 5.13
C SER A 431 2.74 21.85 6.54
N LEU A 432 1.57 21.20 6.68
CA LEU A 432 1.13 20.61 7.95
C LEU A 432 2.23 19.67 8.51
N VAL A 433 2.74 18.77 7.66
CA VAL A 433 3.75 17.77 8.10
C VAL A 433 5.05 18.46 8.50
N HIS A 434 5.50 19.41 7.69
CA HIS A 434 6.68 20.17 8.07
C HIS A 434 6.52 20.86 9.42
N ASN A 435 5.39 21.54 9.61
CA ASN A 435 5.17 22.33 10.85
C ASN A 435 5.08 21.41 12.06
N LEU A 436 4.34 20.33 11.91
CA LEU A 436 4.17 19.39 13.00
C LEU A 436 5.50 18.76 13.42
N THR A 437 6.25 18.25 12.45
CA THR A 437 7.55 17.60 12.79
C THR A 437 8.58 18.55 13.40
N LYS A 438 8.41 19.86 13.18
CA LYS A 438 9.32 20.82 13.84
C LYS A 438 8.96 21.00 15.31
N GLU A 439 7.77 20.54 15.69
CA GLU A 439 7.29 20.67 17.08
C GLU A 439 7.47 19.38 17.86
N LEU A 440 7.86 18.30 17.19
CA LEU A 440 8.06 17.00 17.82
C LEU A 440 9.54 16.73 18.09
N LYS A 441 9.82 15.98 19.13
CA LYS A 441 11.22 15.67 19.53
C LYS A 441 11.71 14.50 18.67
N SER A 442 12.96 14.54 18.21
CA SER A 442 13.51 13.39 17.49
C SER A 442 13.77 12.24 18.45
N PRO A 443 13.39 10.99 18.09
CA PRO A 443 13.74 9.87 18.98
C PRO A 443 15.10 9.27 18.67
N ASP A 444 15.81 9.84 17.70
CA ASP A 444 17.01 9.22 17.12
C ASP A 444 18.22 9.43 18.02
N GLU A 445 19.09 8.42 18.05
CA GLU A 445 20.38 8.53 18.74
CA GLU A 445 20.40 8.47 18.70
C GLU A 445 21.20 9.61 18.06
N GLY A 446 21.78 10.50 18.87
CA GLY A 446 22.59 11.61 18.33
C GLY A 446 21.81 12.86 17.97
N PHE A 447 20.47 12.80 18.10
CA PHE A 447 19.62 13.97 17.90
C PHE A 447 18.80 14.30 19.14
N GLU A 448 19.30 13.92 20.31
CA GLU A 448 18.67 14.25 21.58
C GLU A 448 18.50 15.78 21.67
N GLY A 449 17.29 16.23 21.96
CA GLY A 449 17.04 17.68 22.04
C GLY A 449 16.82 18.35 20.68
N LYS A 450 16.81 17.57 19.60
CA LYS A 450 16.58 18.13 18.30
C LYS A 450 15.18 17.73 17.88
N SER A 451 14.63 18.49 16.94
CA SER A 451 13.28 18.21 16.43
C SER A 451 13.32 17.00 15.48
N LEU A 452 12.19 16.32 15.34
CA LEU A 452 12.01 15.28 14.33
C LEU A 452 12.27 15.82 12.93
N TYR A 453 11.81 17.03 12.66
CA TYR A 453 12.08 17.67 11.37
C TYR A 453 13.59 17.68 11.08
N GLU A 454 14.37 18.05 12.08
CA GLU A 454 15.81 18.13 11.90
C GLU A 454 16.45 16.78 11.57
N SER A 455 16.13 15.75 12.36
CA SER A 455 16.73 14.43 12.16
C SER A 455 16.23 13.82 10.83
N TRP A 456 14.94 13.96 10.55
CA TRP A 456 14.36 13.50 9.29
C TRP A 456 15.00 14.18 8.05
N THR A 457 15.10 15.51 8.09
CA THR A 457 15.71 16.26 6.99
C THR A 457 17.20 15.87 6.80
N LYS A 458 17.93 15.74 7.89
CA LYS A 458 19.31 15.32 7.79
C LYS A 458 19.41 13.92 7.19
N LYS A 459 18.58 12.97 7.64
CA LYS A 459 18.69 11.58 7.18
C LYS A 459 18.05 11.30 5.83
N SER A 460 17.06 12.12 5.46
CA SER A 460 16.32 11.84 4.27
C SER A 460 16.06 13.15 3.52
N PRO A 461 17.14 13.78 2.99
CA PRO A 461 17.00 15.11 2.38
C PRO A 461 16.11 15.02 1.16
N SER A 462 15.30 16.03 0.95
CA SER A 462 14.57 16.15 -0.30
C SER A 462 15.56 16.20 -1.47
N PRO A 463 15.26 15.48 -2.57
CA PRO A 463 16.18 15.51 -3.72
C PRO A 463 16.20 16.87 -4.47
N GLU A 464 15.16 17.70 -4.37
CA GLU A 464 15.21 19.01 -5.05
C GLU A 464 15.29 20.28 -4.18
N PHE A 465 15.08 20.16 -2.86
CA PHE A 465 15.05 21.36 -2.00
C PHE A 465 15.97 21.26 -0.80
N SER A 466 16.88 22.21 -0.72
CA SER A 466 17.82 22.26 0.39
C SER A 466 17.11 22.50 1.71
N GLY A 467 17.42 21.68 2.72
CA GLY A 467 16.93 21.89 4.08
C GLY A 467 15.49 21.47 4.32
N MET A 468 14.94 20.68 3.38
CA MET A 468 13.61 20.05 3.49
C MET A 468 13.77 18.55 3.44
N PRO A 469 12.84 17.81 4.07
CA PRO A 469 12.90 16.37 3.99
C PRO A 469 12.17 15.81 2.75
N ARG A 470 12.49 14.58 2.40
CA ARG A 470 11.80 13.89 1.31
C ARG A 470 10.38 13.56 1.78
N ILE A 471 9.41 13.93 0.97
CA ILE A 471 8.06 13.39 1.15
C ILE A 471 7.63 12.79 -0.20
N SER A 472 7.15 11.56 -0.21
CA SER A 472 6.81 10.88 -1.45
C SER A 472 5.33 11.02 -1.77
N LYS A 473 5.02 10.79 -3.04
CA LYS A 473 3.60 10.74 -3.46
C LYS A 473 3.02 9.43 -2.93
N LEU A 474 1.72 9.39 -2.74
CA LEU A 474 1.06 8.12 -2.36
C LEU A 474 1.09 7.15 -3.54
N GLY A 475 1.38 5.88 -3.25
CA GLY A 475 1.15 4.80 -4.25
C GLY A 475 -0.14 4.12 -3.88
N SER A 476 -0.09 2.79 -3.72
CA SER A 476 -1.25 2.05 -3.26
C SER A 476 -0.81 0.77 -2.59
N GLY A 477 -1.69 -0.23 -2.52
CA GLY A 477 -1.37 -1.42 -1.74
C GLY A 477 -1.62 -1.18 -0.27
N ASN A 478 -2.50 -0.21 0.02
CA ASN A 478 -2.94 -0.02 1.43
C ASN A 478 -4.28 0.71 1.50
N ASP A 479 -4.88 0.86 2.69
CA ASP A 479 -6.31 1.19 2.80
C ASP A 479 -6.72 2.63 2.42
N PHE A 480 -5.75 3.49 2.17
CA PHE A 480 -6.07 4.86 1.72
C PHE A 480 -6.51 4.86 0.26
N GLU A 481 -6.34 3.73 -0.43
CA GLU A 481 -6.57 3.71 -1.87
C GLU A 481 -7.98 4.16 -2.27
N VAL A 482 -9.02 3.62 -1.64
CA VAL A 482 -10.39 4.06 -2.00
C VAL A 482 -10.58 5.58 -1.69
N PHE A 483 -10.06 6.04 -0.55
CA PHE A 483 -10.31 7.41 -0.14
C PHE A 483 -9.62 8.39 -1.06
N PHE A 484 -8.38 8.07 -1.45
CA PHE A 484 -7.54 9.03 -2.25
C PHE A 484 -7.80 8.90 -3.77
N GLN A 485 -7.53 7.71 -4.33
CA GLN A 485 -7.59 7.59 -5.79
C GLN A 485 -9.02 7.37 -6.32
N ARG A 486 -9.94 6.82 -5.50
CA ARG A 486 -11.33 6.76 -5.98
C ARG A 486 -12.13 8.00 -5.65
N LEU A 487 -12.12 8.40 -4.36
CA LEU A 487 -13.04 9.46 -3.89
C LEU A 487 -12.41 10.86 -3.87
N GLY A 488 -11.07 10.96 -3.94
CA GLY A 488 -10.39 12.31 -3.96
C GLY A 488 -10.42 13.04 -2.61
N ILE A 489 -10.21 12.28 -1.54
CA ILE A 489 -10.09 12.84 -0.22
C ILE A 489 -8.60 12.91 0.10
N ALA A 490 -8.15 14.09 0.50
CA ALA A 490 -6.76 14.34 0.87
C ALA A 490 -6.30 13.28 1.85
N SER A 491 -5.20 12.59 1.52
CA SER A 491 -4.78 11.46 2.33
C SER A 491 -3.27 11.52 2.64
N GLY A 492 -2.86 10.86 3.75
CA GLY A 492 -1.45 10.84 4.13
C GLY A 492 -1.14 9.57 4.94
N ARG A 493 0.15 9.25 5.03
CA ARG A 493 0.59 8.14 5.88
C ARG A 493 2.02 8.49 6.38
N ALA A 494 2.41 7.89 7.51
CA ALA A 494 3.76 8.13 8.04
C ALA A 494 4.19 6.89 8.78
N ARG A 495 5.48 6.57 8.71
CA ARG A 495 5.99 5.46 9.52
C ARG A 495 7.49 5.63 9.69
N TYR A 496 8.09 4.92 10.65
CA TYR A 496 9.54 4.83 10.68
C TYR A 496 10.03 3.80 9.66
N THR A 497 11.18 4.10 9.03
CA THR A 497 11.67 3.29 7.93
C THR A 497 13.19 3.05 8.07
N LYS A 498 13.75 2.24 7.17
CA LYS A 498 15.19 1.95 7.15
C LYS A 498 15.97 2.99 6.33
N ASN A 499 17.30 2.91 6.40
CA ASN A 499 18.18 3.67 5.52
C ASN A 499 18.25 2.99 4.18
N TRP A 500 17.64 3.57 3.16
CA TRP A 500 17.68 3.01 1.81
C TRP A 500 19.04 2.90 1.11
N GLU A 501 19.97 3.80 1.47
CA GLU A 501 21.32 3.79 0.90
C GLU A 501 22.08 2.52 1.27
N THR A 502 22.15 2.22 2.56
CA THR A 502 22.94 1.10 3.08
C THR A 502 22.29 -0.31 2.91
N ASN A 503 21.00 -0.36 2.59
CA ASN A 503 20.27 -1.63 2.40
C ASN A 503 19.13 -1.46 1.39
N LYS A 504 19.25 -2.13 0.24
CA LYS A 504 18.20 -2.06 -0.81
C LYS A 504 17.33 -3.31 -0.87
N GLY A 507 11.30 -3.77 1.49
CA GLY A 507 10.57 -3.61 2.76
C GLY A 507 11.40 -4.11 3.96
N TYR A 508 10.87 -5.04 4.77
CA TYR A 508 11.65 -5.66 5.88
C TYR A 508 11.62 -7.19 5.70
N PRO A 509 12.68 -7.91 6.11
CA PRO A 509 12.81 -9.29 5.66
C PRO A 509 11.71 -10.23 6.08
N LEU A 510 11.15 -10.03 7.27
CA LEU A 510 10.20 -11.01 7.83
C LEU A 510 8.73 -10.76 7.48
N TYR A 511 8.53 -9.82 6.57
CA TYR A 511 7.20 -9.44 6.10
C TYR A 511 6.32 -10.64 5.68
N HIS A 512 5.17 -10.79 6.35
CA HIS A 512 4.15 -11.80 5.98
C HIS A 512 4.54 -13.25 6.28
N SER A 513 5.56 -13.39 7.13
CA SER A 513 6.03 -14.66 7.55
C SER A 513 5.56 -14.96 9.02
N VAL A 514 5.53 -16.24 9.38
CA VAL A 514 5.22 -16.66 10.77
C VAL A 514 6.18 -15.99 11.79
N TYR A 515 7.36 -15.52 11.32
CA TYR A 515 8.39 -15.00 12.21
C TYR A 515 8.17 -13.53 12.54
N GLU A 516 7.16 -12.90 11.92
CA GLU A 516 6.86 -11.50 12.19
C GLU A 516 6.00 -11.42 13.46
N THR A 517 6.69 -11.35 14.61
CA THR A 517 6.05 -11.52 15.90
C THR A 517 6.26 -10.29 16.81
N TYR A 518 5.58 -10.28 17.96
CA TYR A 518 5.85 -9.31 19.00
C TYR A 518 7.37 -9.27 19.36
N GLU A 519 7.97 -10.45 19.53
CA GLU A 519 9.40 -10.51 19.92
C GLU A 519 10.30 -9.90 18.87
N LEU A 520 9.98 -10.10 17.60
CA LEU A 520 10.71 -9.43 16.52
C LEU A 520 10.81 -7.92 16.75
N VAL A 521 9.66 -7.29 17.08
CA VAL A 521 9.59 -5.83 17.31
C VAL A 521 10.32 -5.43 18.62
N GLU A 522 9.95 -6.08 19.72
CA GLU A 522 10.46 -5.76 21.05
C GLU A 522 11.97 -5.96 21.15
N LYS A 523 12.50 -7.01 20.49
CA LYS A 523 13.94 -7.30 20.59
C LYS A 523 14.79 -6.53 19.57
N PHE A 524 14.32 -6.45 18.33
CA PHE A 524 15.15 -5.98 17.19
C PHE A 524 14.80 -4.62 16.63
N TYR A 525 13.53 -4.24 16.64
CA TYR A 525 13.17 -2.98 15.98
C TYR A 525 13.08 -1.78 16.92
N ASP A 526 12.39 -1.97 18.04
CA ASP A 526 12.00 -0.81 18.85
C ASP A 526 11.79 -1.18 20.31
N PRO A 527 12.88 -1.65 20.97
CA PRO A 527 12.73 -2.10 22.36
C PRO A 527 12.12 -1.07 23.31
N MET A 528 12.37 0.22 23.09
CA MET A 528 11.85 1.30 23.97
CA MET A 528 11.83 1.27 23.98
C MET A 528 10.48 1.80 23.50
N PHE A 529 10.06 1.35 22.32
CA PHE A 529 8.80 1.80 21.72
C PHE A 529 8.78 3.29 21.44
N LYS A 530 9.97 3.87 21.34
CA LYS A 530 10.09 5.30 21.04
C LYS A 530 9.78 5.66 19.60
N TYR A 531 10.08 4.76 18.67
CA TYR A 531 9.74 5.02 17.27
C TYR A 531 8.23 4.90 17.11
N HIS A 532 7.63 3.91 17.78
CA HIS A 532 6.15 3.78 17.78
C HIS A 532 5.53 5.09 18.34
N LEU A 533 6.03 5.57 19.48
CA LEU A 533 5.55 6.77 20.07
C LEU A 533 5.71 7.95 19.12
N THR A 534 6.87 8.10 18.48
CA THR A 534 7.05 9.18 17.46
C THR A 534 6.01 9.10 16.35
N VAL A 535 5.80 7.88 15.84
CA VAL A 535 4.78 7.68 14.78
C VAL A 535 3.36 8.02 15.30
N ALA A 536 3.04 7.62 16.53
CA ALA A 536 1.77 8.00 17.13
C ALA A 536 1.59 9.53 17.21
N GLN A 537 2.67 10.22 17.55
CA GLN A 537 2.62 11.68 17.59
C GLN A 537 2.43 12.33 16.22
N VAL A 538 3.08 11.75 15.19
CA VAL A 538 2.94 12.29 13.84
C VAL A 538 1.53 12.00 13.33
N ARG A 539 1.07 10.75 13.42
CA ARG A 539 -0.24 10.42 12.88
C ARG A 539 -1.33 11.12 13.70
N GLY A 540 -1.22 11.03 15.03
CA GLY A 540 -2.21 11.66 15.93
C GLY A 540 -2.19 13.19 15.83
N GLY A 541 -1.00 13.77 15.74
CA GLY A 541 -0.88 15.22 15.59
C GLY A 541 -1.51 15.70 14.30
N MET A 542 -1.32 14.95 13.22
CA MET A 542 -1.92 15.34 11.93
C MET A 542 -3.43 15.31 12.05
N VAL A 543 -3.98 14.24 12.60
CA VAL A 543 -5.41 14.15 12.86
C VAL A 543 -5.89 15.31 13.71
N PHE A 544 -5.18 15.56 14.83
CA PHE A 544 -5.55 16.65 15.72
C PHE A 544 -5.68 17.97 14.95
N GLU A 545 -4.68 18.33 14.17
CA GLU A 545 -4.68 19.61 13.46
C GLU A 545 -5.78 19.65 12.40
N LEU A 546 -5.94 18.54 11.67
CA LEU A 546 -6.97 18.45 10.61
C LEU A 546 -8.35 18.62 11.25
N ALA A 547 -8.52 18.03 12.44
CA ALA A 547 -9.82 18.05 13.09
C ALA A 547 -10.10 19.30 13.93
N ASN A 548 -9.05 20.08 14.24
CA ASN A 548 -9.24 21.18 15.16
C ASN A 548 -8.86 22.58 14.71
N SER A 549 -8.00 22.68 13.70
CA SER A 549 -7.59 23.98 13.20
C SER A 549 -8.80 24.71 12.59
N ILE A 550 -8.92 26.00 12.89
CA ILE A 550 -10.08 26.76 12.42
C ILE A 550 -10.09 26.79 10.88
N VAL A 551 -8.95 27.15 10.31
CA VAL A 551 -8.77 27.04 8.83
C VAL A 551 -8.08 25.68 8.57
N LEU A 552 -8.67 24.88 7.68
CA LEU A 552 -8.08 23.56 7.31
C LEU A 552 -6.60 23.75 6.99
N PRO A 553 -5.76 22.83 7.49
CA PRO A 553 -4.32 23.09 7.36
C PRO A 553 -3.75 22.51 6.04
N PHE A 554 -4.29 22.98 4.92
CA PHE A 554 -3.86 22.55 3.57
C PHE A 554 -3.30 23.78 2.89
N ASP A 555 -2.19 23.63 2.16
CA ASP A 555 -1.65 24.76 1.41
C ASP A 555 -1.73 24.43 -0.07
N CYS A 556 -2.73 25.03 -0.76
CA CYS A 556 -2.92 24.75 -2.20
C CYS A 556 -1.69 25.12 -3.03
N ARG A 557 -0.86 26.06 -2.56
CA ARG A 557 0.34 26.43 -3.32
C ARG A 557 1.34 25.27 -3.46
N ASP A 558 1.36 24.37 -2.47
CA ASP A 558 2.24 23.17 -2.56
C ASP A 558 1.77 22.27 -3.73
N TYR A 559 0.46 22.26 -4.03
CA TYR A 559 0.03 21.46 -5.20
C TYR A 559 0.54 22.11 -6.49
N ALA A 560 0.55 23.45 -6.52
CA ALA A 560 0.99 24.16 -7.73
C ALA A 560 2.44 23.81 -8.06
N VAL A 561 3.28 23.78 -7.03
CA VAL A 561 4.70 23.46 -7.20
C VAL A 561 4.86 21.99 -7.76
N VAL A 562 4.17 21.01 -7.21
CA VAL A 562 4.40 19.64 -7.72
C VAL A 562 3.78 19.42 -9.12
N LEU A 563 2.67 20.09 -9.41
CA LEU A 563 2.04 19.98 -10.71
C LEU A 563 3.03 20.41 -11.78
N ARG A 564 3.79 21.47 -11.49
CA ARG A 564 4.83 21.88 -12.43
C ARG A 564 5.93 20.85 -12.61
N LYS A 565 6.42 20.29 -11.49
CA LYS A 565 7.39 19.19 -11.53
C LYS A 565 6.86 18.02 -12.39
N TYR A 566 5.60 17.63 -12.19
CA TYR A 566 5.03 16.47 -12.89
C TYR A 566 4.86 16.79 -14.37
N ALA A 567 4.45 18.03 -14.69
CA ALA A 567 4.29 18.45 -16.08
C ALA A 567 5.64 18.44 -16.81
N ASP A 568 6.67 18.97 -16.14
CA ASP A 568 8.05 18.95 -16.72
C ASP A 568 8.44 17.47 -16.98
N LYS A 569 8.12 16.61 -16.01
CA LYS A 569 8.53 15.21 -16.11
C LYS A 569 7.86 14.46 -17.29
N ILE A 570 6.56 14.65 -17.44
CA ILE A 570 5.81 13.96 -18.47
C ILE A 570 6.20 14.52 -19.86
N TYR A 571 6.37 15.83 -19.94
CA TYR A 571 6.87 16.44 -21.15
C TYR A 571 8.26 15.85 -21.51
N SER A 572 9.16 15.66 -20.53
CA SER A 572 10.49 15.09 -20.84
C SER A 572 10.39 13.66 -21.36
N ILE A 573 9.41 12.89 -20.86
CA ILE A 573 9.17 11.54 -21.39
C ILE A 573 8.76 11.59 -22.88
N SER A 574 7.83 12.45 -23.22
CA SER A 574 7.34 12.60 -24.57
C SER A 574 8.44 13.08 -25.50
N MET A 575 9.28 13.96 -24.98
CA MET A 575 10.39 14.52 -25.79
C MET A 575 11.51 13.54 -26.18
N LYS A 576 11.40 12.29 -25.74
CA LYS A 576 12.29 11.22 -26.24
C LYS A 576 11.85 10.80 -27.65
N HIS A 577 10.69 11.30 -28.10
CA HIS A 577 10.13 11.01 -29.43
C HIS A 577 9.84 12.28 -30.24
N PRO A 578 10.90 13.10 -30.51
CA PRO A 578 10.62 14.40 -31.15
C PRO A 578 9.98 14.30 -32.54
N GLN A 579 10.40 13.31 -33.35
CA GLN A 579 9.80 13.09 -34.67
C GLN A 579 8.28 12.84 -34.64
N GLU A 580 7.84 11.95 -33.76
CA GLU A 580 6.41 11.69 -33.63
C GLU A 580 5.67 12.93 -33.09
N MET A 581 6.28 13.67 -32.16
CA MET A 581 5.63 14.90 -31.67
C MET A 581 5.44 15.90 -32.82
N LYS A 582 6.40 15.97 -33.75
CA LYS A 582 6.26 16.86 -34.91
C LYS A 582 5.15 16.33 -35.83
N THR A 583 5.23 15.04 -36.13
CA THR A 583 4.30 14.40 -37.06
C THR A 583 2.86 14.50 -36.63
N TYR A 584 2.59 14.22 -35.35
CA TYR A 584 1.24 14.17 -34.85
C TYR A 584 0.83 15.45 -34.11
N SER A 585 1.71 16.46 -34.16
CA SER A 585 1.38 17.78 -33.61
C SER A 585 1.07 17.67 -32.09
N VAL A 586 1.95 17.01 -31.34
CA VAL A 586 1.71 16.75 -29.92
C VAL A 586 2.28 17.92 -29.11
N SER A 587 1.39 18.68 -28.49
CA SER A 587 1.80 19.84 -27.69
C SER A 587 1.40 19.70 -26.23
N PHE A 588 2.34 20.01 -25.34
CA PHE A 588 2.00 20.10 -23.91
C PHE A 588 1.59 21.54 -23.49
N ASP A 589 1.40 22.43 -24.47
CA ASP A 589 1.13 23.86 -24.14
C ASP A 589 -0.09 24.03 -23.21
N SER A 590 -1.17 23.32 -23.49
CA SER A 590 -2.38 23.42 -22.65
C SER A 590 -2.14 22.99 -21.20
N LEU A 591 -1.36 21.92 -21.00
CA LEU A 591 -1.05 21.49 -19.64
C LEU A 591 -0.19 22.50 -18.90
N PHE A 592 0.84 23.03 -19.57
CA PHE A 592 1.65 24.05 -18.90
C PHE A 592 0.82 25.28 -18.60
N SER A 593 -0.06 25.67 -19.53
CA SER A 593 -0.98 26.79 -19.32
C SER A 593 -1.89 26.57 -18.08
N ALA A 594 -2.50 25.39 -17.99
CA ALA A 594 -3.36 25.04 -16.83
C ALA A 594 -2.56 25.13 -15.52
N VAL A 595 -1.35 24.58 -15.55
CA VAL A 595 -0.46 24.60 -14.34
C VAL A 595 -0.08 26.04 -13.92
N LYS A 596 0.24 26.88 -14.90
CA LYS A 596 0.49 28.31 -14.67
C LYS A 596 -0.74 28.99 -14.07
N ASN A 597 -1.92 28.69 -14.61
CA ASN A 597 -3.15 29.23 -14.09
C ASN A 597 -3.42 28.76 -12.64
N PHE A 598 -3.24 27.47 -12.37
CA PHE A 598 -3.39 26.91 -11.04
C PHE A 598 -2.45 27.67 -10.07
N THR A 599 -1.19 27.89 -10.49
CA THR A 599 -0.20 28.61 -9.63
C THR A 599 -0.68 30.01 -9.29
N GLU A 600 -1.11 30.75 -10.32
CA GLU A 600 -1.62 32.13 -10.11
C GLU A 600 -2.89 32.17 -9.24
N ILE A 601 -3.86 31.30 -9.53
CA ILE A 601 -5.12 31.27 -8.78
C ILE A 601 -4.89 30.82 -7.32
N ALA A 602 -4.03 29.82 -7.13
CA ALA A 602 -3.74 29.33 -5.79
C ALA A 602 -3.08 30.46 -4.98
N SER A 603 -2.19 31.21 -5.61
CA SER A 603 -1.51 32.29 -4.90
C SER A 603 -2.53 33.37 -4.43
N LYS A 604 -3.44 33.76 -5.31
CA LYS A 604 -4.52 34.69 -4.96
C LYS A 604 -5.42 34.13 -3.86
N PHE A 605 -5.79 32.86 -3.95
CA PHE A 605 -6.61 32.25 -2.92
C PHE A 605 -5.90 32.24 -1.55
N SER A 606 -4.60 31.95 -1.51
CA SER A 606 -3.83 32.02 -0.28
C SER A 606 -3.86 33.43 0.37
N GLU A 607 -3.71 34.48 -0.45
CA GLU A 607 -3.86 35.87 0.02
C GLU A 607 -5.21 36.10 0.66
N ARG A 608 -6.28 35.68 -0.01
CA ARG A 608 -7.64 35.82 0.54
C ARG A 608 -7.79 35.07 1.85
N LEU A 609 -7.16 33.89 1.94
CA LEU A 609 -7.26 33.05 3.12
C LEU A 609 -6.61 33.71 4.34
N GLN A 610 -5.57 34.50 4.10
CA GLN A 610 -4.88 35.30 5.11
C GLN A 610 -5.76 36.45 5.60
N ASP A 611 -6.49 37.05 4.67
CA ASP A 611 -7.09 38.38 4.78
C ASP A 611 -8.58 38.54 5.21
N PHE A 612 -9.25 37.50 5.73
CA PHE A 612 -10.69 37.54 6.16
C PHE A 612 -10.83 37.30 7.73
N SER A 615 -13.67 34.95 12.04
CA SER A 615 -15.01 35.28 12.68
C SER A 615 -16.35 35.49 11.84
N ASN A 616 -16.28 35.93 10.57
CA ASN A 616 -17.41 35.54 9.66
C ASN A 616 -17.44 34.02 9.32
N PRO A 617 -18.33 33.23 9.99
CA PRO A 617 -18.27 31.80 9.90
C PRO A 617 -18.72 31.23 8.56
N ILE A 618 -19.50 32.00 7.77
CA ILE A 618 -19.96 31.49 6.48
C ILE A 618 -18.81 31.69 5.52
N VAL A 619 -18.11 32.81 5.67
CA VAL A 619 -16.93 33.07 4.83
C VAL A 619 -15.89 32.00 5.17
N LEU A 620 -15.79 31.70 6.47
CA LEU A 620 -14.79 30.68 6.89
C LEU A 620 -15.17 29.31 6.29
N ARG A 621 -16.43 28.94 6.42
CA ARG A 621 -16.90 27.64 5.92
C ARG A 621 -16.74 27.57 4.39
N MET A 622 -17.02 28.69 3.69
N MET A 622 -17.03 28.69 3.71
CA MET A 622 -16.80 28.75 2.20
CA MET A 622 -16.90 28.71 2.24
C MET A 622 -15.39 28.39 1.90
C MET A 622 -15.44 28.52 1.81
N MET A 623 -14.47 29.09 2.53
CA MET A 623 -13.05 28.87 2.16
C MET A 623 -12.54 27.48 2.63
N ASN A 624 -13.01 27.00 3.78
CA ASN A 624 -12.69 25.59 4.17
C ASN A 624 -13.27 24.60 3.16
N ASP A 625 -14.48 24.86 2.67
CA ASP A 625 -15.04 23.97 1.61
C ASP A 625 -14.18 24.03 0.33
N GLN A 626 -13.66 25.21 -0.03
CA GLN A 626 -12.76 25.26 -1.19
C GLN A 626 -11.49 24.44 -0.92
N LEU A 627 -10.93 24.55 0.30
CA LEU A 627 -9.79 23.69 0.67
C LEU A 627 -10.12 22.21 0.63
N MET A 628 -11.26 21.89 1.20
CA MET A 628 -11.65 20.48 1.30
C MET A 628 -11.93 19.89 -0.10
N PHE A 629 -12.62 20.64 -0.94
CA PHE A 629 -12.97 20.12 -2.28
C PHE A 629 -11.88 20.21 -3.32
N LEU A 630 -10.72 20.73 -2.95
CA LEU A 630 -9.65 20.91 -3.94
C LEU A 630 -9.06 19.53 -4.35
N GLU A 631 -8.75 18.69 -3.38
CA GLU A 631 -8.40 17.30 -3.73
C GLU A 631 -9.50 16.65 -4.57
N ARG A 632 -10.74 16.93 -4.20
CA ARG A 632 -11.88 16.31 -4.87
C ARG A 632 -11.91 16.74 -6.34
N ALA A 633 -11.42 17.95 -6.62
CA ALA A 633 -11.53 18.47 -7.98
C ALA A 633 -10.63 17.70 -8.95
N PHE A 634 -9.64 16.96 -8.44
CA PHE A 634 -8.79 16.14 -9.37
C PHE A 634 -9.41 14.85 -9.84
N ILE A 635 -10.58 14.53 -9.29
CA ILE A 635 -11.31 13.31 -9.69
C ILE A 635 -11.97 13.50 -11.05
N ASP A 636 -11.80 12.51 -11.95
CA ASP A 636 -12.56 12.49 -13.20
C ASP A 636 -13.58 11.37 -13.02
N PRO A 637 -14.87 11.68 -13.09
CA PRO A 637 -15.88 10.68 -12.83
C PRO A 637 -15.87 9.57 -13.93
N LEU A 638 -15.20 9.77 -15.07
CA LEU A 638 -15.10 8.67 -16.06
C LEU A 638 -13.92 7.71 -15.75
N GLY A 639 -13.08 8.07 -14.77
CA GLY A 639 -12.00 7.17 -14.38
C GLY A 639 -10.87 7.18 -15.39
N LEU A 640 -9.79 6.46 -15.11
CA LEU A 640 -8.69 6.30 -16.09
C LEU A 640 -9.01 5.15 -17.04
N PRO A 641 -8.37 5.10 -18.23
CA PRO A 641 -8.69 4.03 -19.24
C PRO A 641 -8.64 2.61 -18.65
N ASP A 642 -9.76 1.89 -18.76
CA ASP A 642 -9.95 0.51 -18.24
C ASP A 642 -9.66 0.39 -16.78
N ARG A 643 -9.58 1.51 -16.06
CA ARG A 643 -9.49 1.43 -14.58
C ARG A 643 -10.48 2.45 -13.96
N PRO A 644 -11.76 2.10 -13.94
CA PRO A 644 -12.80 3.06 -13.57
C PRO A 644 -12.73 3.49 -12.13
N PHE A 645 -12.07 2.69 -11.26
CA PHE A 645 -11.96 3.08 -9.85
C PHE A 645 -10.72 3.88 -9.49
N TYR A 646 -9.84 4.10 -10.46
CA TYR A 646 -8.75 5.05 -10.29
C TYR A 646 -9.22 6.32 -11.01
N ARG A 647 -9.72 7.29 -10.23
CA ARG A 647 -10.37 8.47 -10.83
CA ARG A 647 -10.37 8.47 -10.80
C ARG A 647 -9.55 9.75 -10.68
N HIS A 648 -8.49 9.69 -9.88
CA HIS A 648 -7.69 10.90 -9.64
C HIS A 648 -6.80 11.08 -10.88
N VAL A 649 -6.79 12.27 -11.45
CA VAL A 649 -6.07 12.48 -12.71
C VAL A 649 -4.59 12.79 -12.46
N ILE A 650 -4.25 13.22 -11.26
CA ILE A 650 -2.83 13.53 -10.98
C ILE A 650 -2.07 12.30 -10.50
N TYR A 651 -2.73 11.44 -9.71
CA TYR A 651 -2.04 10.29 -9.13
C TYR A 651 -2.81 8.99 -9.31
N ALA A 652 -2.12 7.93 -9.75
CA ALA A 652 -2.74 6.59 -9.74
C ALA A 652 -1.61 5.63 -9.37
N PRO A 653 -1.97 4.44 -8.88
CA PRO A 653 -0.95 3.41 -8.69
C PRO A 653 -0.36 3.08 -10.05
N SER A 654 0.96 2.88 -10.12
CA SER A 654 1.59 2.47 -11.36
C SER A 654 0.92 1.23 -11.94
N SER A 655 0.63 1.25 -13.24
CA SER A 655 0.06 0.07 -13.88
C SER A 655 1.06 -1.10 -13.86
N HIS A 656 2.32 -0.82 -13.51
CA HIS A 656 3.35 -1.91 -13.48
C HIS A 656 3.69 -2.30 -12.06
N ASN A 657 3.17 -1.56 -11.08
CA ASN A 657 3.57 -1.80 -9.69
C ASN A 657 2.61 -1.07 -8.79
N LYS A 658 1.61 -1.79 -8.28
CA LYS A 658 0.55 -1.17 -7.46
C LYS A 658 1.13 -0.38 -6.26
N TYR A 659 2.29 -0.78 -5.72
CA TYR A 659 2.83 -0.05 -4.57
C TYR A 659 3.29 1.35 -4.91
N ALA A 660 3.70 1.61 -6.15
CA ALA A 660 4.32 2.90 -6.50
C ALA A 660 3.28 3.87 -7.06
N GLY A 661 3.38 5.17 -6.73
CA GLY A 661 2.43 6.11 -7.33
C GLY A 661 3.02 6.58 -8.66
N GLU A 662 2.15 6.89 -9.62
CA GLU A 662 2.59 7.47 -10.89
C GLU A 662 1.92 8.82 -11.01
N SER A 663 2.62 9.83 -11.49
CA SER A 663 2.00 11.09 -11.74
C SER A 663 1.51 11.25 -13.18
N PHE A 664 0.49 12.09 -13.40
CA PHE A 664 -0.24 12.15 -14.71
C PHE A 664 -0.30 10.74 -15.33
N PRO A 665 -0.93 9.80 -14.60
CA PRO A 665 -0.91 8.39 -15.02
C PRO A 665 -1.56 8.18 -16.39
N GLY A 666 -2.61 8.97 -16.72
CA GLY A 666 -3.25 8.86 -18.02
C GLY A 666 -2.27 9.09 -19.16
N ILE A 667 -1.53 10.18 -19.08
CA ILE A 667 -0.49 10.46 -20.10
C ILE A 667 0.68 9.46 -20.01
N TYR A 668 1.12 9.16 -18.79
CA TYR A 668 2.24 8.25 -18.62
C TYR A 668 1.99 6.91 -19.35
N ASP A 669 0.83 6.30 -19.05
CA ASP A 669 0.46 5.02 -19.67
C ASP A 669 0.26 5.12 -21.20
N ALA A 670 -0.27 6.22 -21.69
CA ALA A 670 -0.34 6.49 -23.13
C ALA A 670 1.04 6.56 -23.78
N LEU A 671 2.03 7.09 -23.07
CA LEU A 671 3.40 7.16 -23.62
C LEU A 671 4.21 5.86 -23.44
N PHE A 672 3.80 5.04 -22.50
CA PHE A 672 4.62 3.89 -22.11
C PHE A 672 4.79 2.90 -23.27
N ASP A 673 6.05 2.65 -23.59
CA ASP A 673 6.42 1.66 -24.65
C ASP A 673 5.72 2.04 -25.97
N ILE A 674 5.52 3.34 -26.22
CA ILE A 674 4.72 3.77 -27.34
C ILE A 674 5.41 3.40 -28.67
N GLU A 675 6.74 3.35 -28.64
CA GLU A 675 7.51 3.00 -29.84
C GLU A 675 7.25 1.57 -30.37
N SER A 676 6.54 0.75 -29.59
CA SER A 676 6.20 -0.64 -29.96
C SER A 676 4.78 -0.75 -30.47
N LYS A 677 3.99 0.33 -30.41
CA LYS A 677 2.60 0.23 -30.84
C LYS A 677 2.53 0.12 -32.36
N VAL A 678 1.58 -0.70 -32.83
CA VAL A 678 1.48 -1.03 -34.26
C VAL A 678 0.95 0.18 -35.06
N ASP A 679 0.09 0.98 -34.43
CA ASP A 679 -0.57 2.12 -35.08
C ASP A 679 -0.10 3.39 -34.36
N PRO A 680 1.00 4.00 -34.83
CA PRO A 680 1.49 5.17 -34.09
C PRO A 680 0.48 6.32 -34.08
N SER A 681 -0.28 6.47 -35.17
CA SER A 681 -1.27 7.54 -35.27
C SER A 681 -2.32 7.43 -34.18
N LYS A 682 -2.84 6.22 -33.99
CA LYS A 682 -3.78 5.99 -32.93
C LYS A 682 -3.13 6.20 -31.55
N ALA A 683 -1.91 5.69 -31.38
CA ALA A 683 -1.27 5.77 -30.07
C ALA A 683 -0.96 7.26 -29.70
N TRP A 684 -0.40 8.02 -30.63
CA TRP A 684 -0.17 9.45 -30.37
C TRP A 684 -1.47 10.28 -30.22
N GLY A 685 -2.53 9.89 -30.93
CA GLY A 685 -3.88 10.50 -30.69
C GLY A 685 -4.30 10.34 -29.24
N GLU A 686 -4.07 9.15 -28.68
CA GLU A 686 -4.45 8.88 -27.29
C GLU A 686 -3.54 9.66 -26.31
N VAL A 687 -2.25 9.81 -26.62
CA VAL A 687 -1.41 10.73 -25.82
C VAL A 687 -2.02 12.14 -25.80
N LYS A 688 -2.35 12.66 -27.00
CA LYS A 688 -2.99 13.98 -27.05
C LYS A 688 -4.31 14.04 -26.25
N ARG A 689 -5.12 12.99 -26.36
CA ARG A 689 -6.38 12.98 -25.59
C ARG A 689 -6.09 13.07 -24.09
N GLN A 690 -5.09 12.33 -23.63
CA GLN A 690 -4.78 12.39 -22.24
C GLN A 690 -4.21 13.74 -21.80
N ILE A 691 -3.43 14.40 -22.67
CA ILE A 691 -2.92 15.74 -22.34
C ILE A 691 -4.10 16.67 -22.14
N TYR A 692 -5.09 16.60 -23.03
CA TYR A 692 -6.33 17.41 -22.92
C TYR A 692 -7.09 17.14 -21.63
N VAL A 693 -7.26 15.88 -21.30
CA VAL A 693 -7.95 15.55 -20.01
C VAL A 693 -7.20 16.14 -18.76
N ALA A 694 -5.87 16.00 -18.78
CA ALA A 694 -5.03 16.48 -17.67
C ALA A 694 -5.07 17.99 -17.60
N ALA A 695 -4.94 18.68 -18.75
CA ALA A 695 -4.94 20.15 -18.78
C ALA A 695 -6.32 20.67 -18.26
N PHE A 696 -7.37 20.06 -18.78
CA PHE A 696 -8.71 20.46 -18.42
C PHE A 696 -8.91 20.24 -16.91
N THR A 697 -8.46 19.10 -16.40
CA THR A 697 -8.74 18.76 -14.98
C THR A 697 -7.95 19.71 -14.10
N VAL A 698 -6.70 20.01 -14.46
CA VAL A 698 -5.90 20.96 -13.64
C VAL A 698 -6.56 22.34 -13.66
N GLN A 699 -7.00 22.77 -14.83
CA GLN A 699 -7.67 24.09 -14.94
C GLN A 699 -8.99 24.11 -14.13
N ALA A 700 -9.76 23.04 -14.22
CA ALA A 700 -11.00 22.91 -13.45
C ALA A 700 -10.75 22.95 -11.96
N ALA A 701 -9.72 22.23 -11.50
CA ALA A 701 -9.36 22.29 -10.07
C ALA A 701 -8.93 23.70 -9.65
N ALA A 702 -8.11 24.35 -10.49
CA ALA A 702 -7.70 25.73 -10.22
C ALA A 702 -8.94 26.59 -10.03
N GLU A 703 -9.91 26.43 -10.94
CA GLU A 703 -11.10 27.29 -10.88
C GLU A 703 -11.98 27.11 -9.63
N THR A 704 -11.87 25.98 -8.95
CA THR A 704 -12.54 25.81 -7.64
C THR A 704 -11.98 26.74 -6.54
N LEU A 705 -10.79 27.31 -6.77
CA LEU A 705 -10.15 28.25 -5.87
C LEU A 705 -10.36 29.70 -6.26
N SER A 706 -10.96 29.97 -7.43
CA SER A 706 -11.32 31.34 -7.83
C SER A 706 -12.41 31.87 -6.89
N GLU A 707 -12.60 33.19 -6.83
CA GLU A 707 -13.78 33.74 -6.10
C GLU A 707 -15.05 33.03 -6.62
N VAL A 708 -15.97 32.71 -5.72
CA VAL A 708 -17.05 31.79 -6.07
C VAL A 708 -18.16 32.48 -6.89
N ALA A 709 -18.17 33.82 -6.88
CA ALA A 709 -19.19 34.61 -7.61
C ALA A 709 -18.74 36.05 -7.63
C1 NAG B . -6.11 -8.38 25.38
C2 NAG B . -6.28 -9.78 25.97
C3 NAG B . -7.73 -10.08 26.31
C4 NAG B . -8.41 -8.99 27.12
C5 NAG B . -8.11 -7.62 26.51
C6 NAG B . -8.65 -6.45 27.36
C7 NAG B . -4.61 -11.33 25.19
C8 NAG B . -4.28 -12.41 24.22
N2 NAG B . -5.84 -10.82 25.05
O3 NAG B . -7.75 -11.30 27.02
O4 NAG B . -9.79 -9.29 27.04
O5 NAG B . -6.72 -7.43 26.25
O6 NAG B . -7.87 -6.27 28.52
O7 NAG B . -3.79 -10.95 26.04
C1 NAG B . -10.45 -9.24 28.33
C2 NAG B . -11.98 -9.13 28.13
C3 NAG B . -12.82 -9.42 29.41
C4 NAG B . -12.15 -10.39 30.43
C5 NAG B . -10.69 -9.96 30.50
C6 NAG B . -9.90 -10.43 31.73
C7 NAG B . -12.57 -7.42 26.40
C8 NAG B . -12.75 -8.44 25.32
N2 NAG B . -12.23 -7.79 27.65
O3 NAG B . -14.10 -9.85 29.05
O4 NAG B . -12.78 -10.41 31.71
O5 NAG B . -10.11 -10.28 29.23
O6 NAG B . -9.03 -11.50 31.38
O7 NAG B . -12.76 -6.23 26.13
C1 NAG C . 6.49 -35.80 -1.99
C2 NAG C . 7.26 -37.11 -1.74
C3 NAG C . 6.59 -38.30 -2.46
C4 NAG C . 5.08 -38.38 -2.19
C5 NAG C . 4.39 -36.97 -2.29
C6 NAG C . 2.92 -36.96 -1.88
C7 NAG C . 9.66 -36.85 -1.34
C8 NAG C . 11.06 -36.76 -1.86
N2 NAG C . 8.65 -37.01 -2.19
O3 NAG C . 7.26 -39.49 -2.04
O4 NAG C . 4.53 -39.30 -3.13
O5 NAG C . 5.12 -35.97 -1.56
O6 NAG C . 2.76 -37.14 -0.48
O7 NAG C . 9.46 -36.78 -0.14
C1 NAG C . 3.48 -40.14 -2.55
C2 NAG C . 2.60 -40.66 -3.69
C3 NAG C . 1.62 -41.77 -3.24
C4 NAG C . 2.31 -42.83 -2.38
C5 NAG C . 3.02 -42.14 -1.21
C6 NAG C . 3.71 -43.13 -0.27
C7 NAG C . 2.20 -38.96 -5.45
C8 NAG C . 1.30 -37.86 -5.91
N2 NAG C . 1.85 -39.57 -4.30
O3 NAG C . 1.07 -42.37 -4.38
O4 NAG C . 1.37 -43.83 -1.98
O5 NAG C . 3.97 -41.18 -1.68
O6 NAG C . 5.00 -43.44 -0.74
O7 NAG C . 3.19 -39.26 -6.12
C1 NAG D . 3.10 26.33 8.91
C2 NAG D . 1.70 26.78 8.50
C3 NAG D . 1.82 28.12 7.76
C4 NAG D . 2.67 29.12 8.57
C5 NAG D . 4.05 28.53 8.90
C6 NAG D . 4.97 29.45 9.77
C7 NAG D . -0.06 25.20 7.90
C8 NAG D . -0.66 25.57 9.20
N2 NAG D . 1.06 25.81 7.60
O3 NAG D . 0.53 28.63 7.64
O4 NAG D . 2.83 30.26 7.76
O5 NAG D . 3.76 27.35 9.66
O6 NAG D . 4.24 29.81 10.94
O7 NAG D . -0.62 24.37 7.12
C1 NAG D . 2.43 31.47 8.46
C2 NAG D . 2.91 32.62 7.59
C3 NAG D . 2.51 33.99 8.15
C4 NAG D . 1.02 33.99 8.50
C5 NAG D . 0.73 32.77 9.41
C6 NAG D . -0.71 32.64 9.93
C7 NAG D . 4.98 32.09 6.35
C8 NAG D . 4.24 31.71 5.09
N2 NAG D . 4.35 32.50 7.45
O3 NAG D . 2.81 34.99 7.22
O4 NAG D . 0.66 35.26 9.04
O5 NAG D . 1.05 31.57 8.71
O6 NAG D . -1.61 32.82 8.85
O7 NAG D . 6.21 32.01 6.33
C1 NAG E . -5.30 29.85 -18.42
C2 NAG E . -6.21 29.01 -19.34
C3 NAG E . -6.41 29.85 -20.61
C4 NAG E . -6.98 31.26 -20.28
C5 NAG E . -6.14 31.96 -19.22
C6 NAG E . -6.86 33.25 -18.77
C7 NAG E . -6.33 26.62 -19.74
C8 NAG E . -5.60 25.36 -20.12
N2 NAG E . -5.61 27.74 -19.71
O3 NAG E . -7.19 29.15 -21.55
O4 NAG E . -6.86 32.15 -21.39
O5 NAG E . -5.95 31.07 -18.11
O6 NAG E . -5.94 34.17 -18.20
O7 NAG E . -7.53 26.62 -19.52
C1 NAG E . -7.86 31.92 -22.39
C2 NAG E . -8.47 33.23 -22.89
C3 NAG E . -9.43 33.03 -24.09
C4 NAG E . -8.74 32.17 -25.17
C5 NAG E . -8.33 30.90 -24.40
C6 NAG E . -7.91 29.67 -25.22
C7 NAG E . -8.73 35.07 -21.34
C8 NAG E . -7.42 35.62 -21.83
N2 NAG E . -9.21 33.91 -21.85
O3 NAG E . -9.88 34.31 -24.49
O4 NAG E . -9.61 31.83 -26.23
O5 NAG E . -7.30 31.24 -23.48
O6 NAG E . -6.69 29.95 -25.86
O7 NAG E . -9.35 35.66 -20.45
C1 BMA E . -9.79 32.84 -27.24
C2 BMA E . -9.97 32.16 -28.61
C3 BMA E . -10.27 33.16 -29.71
C4 BMA E . -11.44 34.06 -29.29
C5 BMA E . -11.25 34.66 -27.88
C6 BMA E . -12.48 35.36 -27.33
O2 BMA E . -11.04 31.22 -28.52
O3 BMA E . -10.62 32.36 -30.81
O4 BMA E . -11.67 35.06 -30.26
O5 BMA E . -10.93 33.63 -26.94
O6 BMA E . -12.23 35.98 -26.07
C1 MAN E . -9.97 32.77 -32.04
C2 MAN E . -10.68 32.06 -33.21
C3 MAN E . -10.29 30.59 -33.23
C4 MAN E . -8.78 30.38 -33.15
C5 MAN E . -8.26 31.10 -31.90
C6 MAN E . -6.79 30.88 -31.55
O2 MAN E . -10.28 32.67 -34.40
O3 MAN E . -10.73 29.91 -34.38
O4 MAN E . -8.51 29.00 -33.13
O5 MAN E . -8.57 32.49 -32.08
O6 MAN E . -6.01 30.94 -32.73
ZN ZN F . 0.56 -7.06 4.71
ZN ZN G . -0.75 -4.08 6.33
CA CA H . -18.10 -3.94 -3.46
CL CL I . 0.66 3.24 6.69
C1 NAG J . -10.36 -30.42 0.64
C2 NAG J . -11.71 -30.25 0.00
C3 NAG J . -12.58 -31.51 0.04
C4 NAG J . -11.80 -32.83 -0.20
C5 NAG J . -10.47 -32.78 0.61
C6 NAG J . -9.62 -34.09 0.72
C7 NAG J . -12.77 -28.07 -0.08
C8 NAG J . -12.56 -28.09 -1.57
N2 NAG J . -12.36 -29.12 0.64
O3 NAG J . -13.54 -31.35 -0.98
O4 NAG J . -12.60 -33.97 0.12
O5 NAG J . -9.74 -31.60 0.18
O6 NAG J . -9.04 -34.66 -0.46
O7 NAG J . -13.31 -27.11 0.45
C1 NAG K . 5.55 -19.62 -27.97
C2 NAG K . 4.95 -18.74 -29.08
C3 NAG K . 3.51 -19.16 -29.40
C4 NAG K . 3.35 -20.68 -29.59
C5 NAG K . 4.02 -21.50 -28.49
C6 NAG K . 4.06 -22.98 -28.90
C7 NAG K . 5.93 -16.45 -29.03
C8 NAG K . 5.71 -15.03 -28.59
N2 NAG K . 4.96 -17.32 -28.74
O3 NAG K . 3.09 -18.50 -30.58
O4 NAG K . 1.98 -21.00 -29.62
O5 NAG K . 5.35 -21.02 -28.23
O6 NAG K . 3.56 -23.79 -27.87
O7 NAG K . 6.98 -16.76 -29.62
C1 NAG L . 18.30 -0.56 14.72
C2 NAG L . 18.52 -1.50 13.52
C3 NAG L . 19.96 -2.08 13.43
C4 NAG L . 20.99 -0.92 13.46
C5 NAG L . 20.69 -0.02 14.67
C6 NAG L . 21.66 1.18 14.72
C7 NAG L . 16.72 -2.80 12.55
C8 NAG L . 15.72 -3.92 12.68
N2 NAG L . 17.52 -2.56 13.57
O3 NAG L . 20.18 -2.76 12.21
O4 NAG L . 22.35 -1.41 13.43
O5 NAG L . 19.32 0.44 14.69
O6 NAG L . 21.77 1.78 13.44
O7 NAG L . 16.80 -2.16 11.53
CAP T01 M . 8.14 -1.84 -3.09
CAN T01 M . 8.05 -0.87 -4.10
CBG T01 M . 7.51 0.40 -3.79
FAM T01 M . 7.38 1.40 -4.68
CAO T01 M . 7.03 0.68 -2.51
CAQ T01 M . 7.09 -0.29 -1.53
CBH T01 M . 7.65 -1.55 -1.80
CBF T01 M . 7.66 -2.51 -0.58
OAF T01 M . 7.61 -2.02 0.58
N T01 M . 7.65 -3.83 -0.83
CA T01 M . 7.55 -4.88 0.22
C T01 M . 8.11 -6.18 -0.38
OXT T01 M . 7.84 -6.34 -1.58
O T01 M . 8.70 -6.99 0.37
CB T01 M . 6.06 -5.24 0.50
CG T01 M . 5.10 -4.04 0.71
CD T01 M . 5.25 -3.61 2.16
OE1 T01 M . 6.22 -4.03 2.82
NE2 T01 M . 4.19 -2.93 2.69
CBK T01 M . 3.06 -2.32 1.93
CBD T01 M . 2.62 -1.16 2.85
OAK T01 M . 3.11 -1.14 4.01
OAD T01 M . 1.81 -0.36 2.38
CAV T01 M . 1.87 -3.28 1.72
OAZ T01 M . 1.20 -3.41 2.97
PBL T01 M . 0.14 -4.58 3.24
OAL T01 M . 0.97 -5.91 3.23
OAG T01 M . -0.54 -4.37 4.63
NAY T01 M . -0.84 -4.58 1.90
CBJ T01 M . -1.16 -5.91 1.29
CBC T01 M . 0.00 -6.49 0.42
OAJ T01 M . -0.06 -7.75 0.25
OAC T01 M . 0.84 -5.70 -0.14
CAT T01 M . -2.47 -5.84 0.38
CAR T01 M . -2.26 -4.77 -0.75
CBA T01 M . -3.36 -4.85 -1.83
OAH T01 M . -4.04 -5.92 -1.91
OAA T01 M . -3.53 -3.85 -2.57
#